data_4PB4
#
_entry.id   4PB4
#
_cell.length_a   157.748
_cell.length_b   157.748
_cell.length_c   158.024
_cell.angle_alpha   90.00
_cell.angle_beta   90.00
_cell.angle_gamma   90.00
#
_symmetry.space_group_name_H-M   'I 41 2 2'
#
loop_
_entity.id
_entity.type
_entity.pdbx_description
1 polymer 'D-threo-3-hydroxyaspartate dehydratase'
2 non-polymer "PYRIDOXAL-5'-PHOSPHATE"
3 non-polymer 'MAGNESIUM ION'
4 non-polymer '2-amino maleic acid'
5 water water
#
_entity_poly.entity_id   1
_entity_poly.type   'polypeptide(L)'
_entity_poly.pdbx_seq_one_letter_code
;GHHHHHHAMSMQDTLLTLDTPAAVIDLDRMQRNIARMQQRMDAQGVRLRPHVKTSKSVPVAAAQRAAGASGITVSTLKEA
EQFFAAGTTDILYAVSMAPHRLPQALQLRRRGCDLKLIVDSVAAAQAIAAFGREQGEAFEVWIEIDTDGHRSGVGADDTP
LLLAIGRTLHDGGMRLGGVLTHAGSSYELDTPEALQALAERERAGCVQAAEALRAAGLPCPVVSVGSTPTALAASRLDGV
TEVRAGVYVFFDLVMRNIGVCAAEDVALSVLATVIGHQADKGWAIVDAGWMAMSRDRGTARQKQDFGYGQVCDLQGRVMP
GFVLTGANQEHGILARADGAAEADIATRFPLGTRLRILPNAACATGAQFPAYQALAADGSVQTWERLHGW
;
_entity_poly.pdbx_strand_id   A,B
#
# COMPACT_ATOMS: atom_id res chain seq x y z
N GLN A 12 6.77 -5.84 29.95
CA GLN A 12 6.12 -4.59 29.37
C GLN A 12 6.59 -4.12 27.97
N ASP A 13 5.76 -4.22 26.93
CA ASP A 13 6.07 -3.57 25.63
C ASP A 13 5.76 -2.06 25.61
N THR A 14 6.68 -1.25 25.07
CA THR A 14 6.54 0.20 25.13
C THR A 14 7.11 0.74 23.81
N LEU A 15 7.06 2.05 23.62
CA LEU A 15 7.62 2.59 22.41
C LEU A 15 9.16 2.45 22.31
N LEU A 16 9.83 2.20 23.44
CA LEU A 16 11.28 1.93 23.37
C LEU A 16 11.65 0.49 23.00
N THR A 17 10.75 -0.43 23.18
CA THR A 17 11.08 -1.89 23.05
C THR A 17 10.52 -2.39 21.71
N LEU A 18 9.52 -1.70 21.13
CA LEU A 18 8.95 -2.19 19.85
C LEU A 18 10.02 -2.21 18.73
N ASP A 19 9.90 -3.18 17.81
CA ASP A 19 10.72 -3.00 16.61
C ASP A 19 10.03 -1.93 15.76
N THR A 20 10.81 -1.32 14.88
CA THR A 20 10.26 -0.30 13.97
C THR A 20 10.41 -0.75 12.51
N PRO A 21 9.55 -0.27 11.63
CA PRO A 21 8.49 0.77 11.90
C PRO A 21 7.29 0.03 12.55
N ALA A 22 6.42 0.81 13.28
CA ALA A 22 5.25 0.25 13.94
C ALA A 22 4.17 1.32 13.84
N ALA A 23 2.91 0.89 13.71
CA ALA A 23 1.79 1.80 13.55
C ALA A 23 1.19 1.95 14.95
N VAL A 24 1.34 3.15 15.54
CA VAL A 24 0.95 3.36 16.97
C VAL A 24 -0.38 4.13 16.96
N ILE A 25 -1.35 3.68 17.76
CA ILE A 25 -2.58 4.45 17.97
C ILE A 25 -2.44 5.02 19.38
N ASP A 26 -2.48 6.35 19.50
CA ASP A 26 -2.55 6.99 20.83
C ASP A 26 -4.02 6.86 21.28
N LEU A 27 -4.28 5.96 22.24
CA LEU A 27 -5.67 5.63 22.63
C LEU A 27 -6.43 6.90 23.19
N ASP A 28 -5.71 7.76 23.90
CA ASP A 28 -6.38 9.00 24.41
C ASP A 28 -6.86 9.85 23.23
N ARG A 29 -6.00 10.03 22.23
CA ARG A 29 -6.39 10.77 21.01
C ARG A 29 -7.51 10.10 20.26
N MET A 30 -7.44 8.77 20.12
CA MET A 30 -8.49 8.08 19.40
C MET A 30 -9.80 8.27 20.14
N GLN A 31 -9.77 8.18 21.46
CA GLN A 31 -11.05 8.25 22.17
C GLN A 31 -11.62 9.70 22.06
N ARG A 32 -10.75 10.71 22.08
CA ARG A 32 -11.30 12.10 21.89
C ARG A 32 -11.95 12.18 20.50
N ASN A 33 -11.35 11.58 19.46
CA ASN A 33 -11.92 11.66 18.10
C ASN A 33 -13.25 10.92 18.05
N ILE A 34 -13.30 9.76 18.67
CA ILE A 34 -14.54 8.97 18.77
C ILE A 34 -15.66 9.79 19.46
N ALA A 35 -15.33 10.41 20.58
CA ALA A 35 -16.32 11.17 21.33
C ALA A 35 -16.77 12.41 20.53
N ARG A 36 -15.80 13.05 19.83
CA ARG A 36 -16.15 14.29 19.09
C ARG A 36 -17.18 13.99 18.00
N MET A 37 -16.96 12.92 17.24
CA MET A 37 -17.88 12.56 16.15
C MET A 37 -19.24 12.11 16.70
N GLN A 38 -19.24 11.21 17.69
CA GLN A 38 -20.51 10.70 18.22
C GLN A 38 -21.35 11.88 18.75
N GLN A 39 -20.69 12.77 19.51
CA GLN A 39 -21.38 13.91 20.12
C GLN A 39 -21.98 14.82 19.05
N ARG A 40 -21.28 14.97 17.94
CA ARG A 40 -21.83 15.74 16.87
C ARG A 40 -23.02 15.05 16.19
N MET A 41 -22.90 13.74 15.93
CA MET A 41 -24.06 13.01 15.34
C MET A 41 -25.30 13.03 16.28
N ASP A 42 -25.07 12.86 17.59
CA ASP A 42 -26.17 12.97 18.57
C ASP A 42 -26.84 14.34 18.49
N ALA A 43 -26.01 15.39 18.42
CA ALA A 43 -26.52 16.80 18.32
C ALA A 43 -27.37 17.00 17.07
N GLN A 44 -27.07 16.27 15.99
CA GLN A 44 -27.87 16.33 14.79
C GLN A 44 -29.01 15.36 14.76
N GLY A 45 -29.17 14.51 15.79
CA GLY A 45 -30.31 13.59 15.74
C GLY A 45 -30.20 12.44 14.73
N VAL A 46 -28.97 12.05 14.38
CA VAL A 46 -28.80 11.00 13.47
C VAL A 46 -27.90 9.91 14.07
N ARG A 47 -27.99 8.69 13.51
CA ARG A 47 -27.17 7.55 13.96
CA ARG A 47 -27.16 7.62 14.02
C ARG A 47 -25.80 7.74 13.31
N LEU A 48 -24.76 7.22 13.98
CA LEU A 48 -23.42 7.16 13.34
C LEU A 48 -23.13 5.71 12.92
N ARG A 49 -22.89 5.47 11.63
CA ARG A 49 -22.52 4.12 11.14
C ARG A 49 -21.05 4.20 10.66
N PRO A 50 -20.10 3.88 11.59
CA PRO A 50 -18.73 4.19 11.23
C PRO A 50 -18.22 3.34 10.06
N HIS A 51 -17.38 3.92 9.23
CA HIS A 51 -16.76 3.15 8.18
C HIS A 51 -15.47 2.50 8.70
N VAL A 52 -15.54 1.18 8.95
CA VAL A 52 -14.38 0.48 9.52
C VAL A 52 -13.28 0.27 8.51
N LYS A 53 -13.44 0.66 7.24
CA LYS A 53 -12.30 0.46 6.30
C LYS A 53 -11.02 1.19 6.77
N THR A 54 -11.19 2.21 7.63
CA THR A 54 -10.01 2.96 8.10
C THR A 54 -9.09 2.08 8.95
N SER A 55 -9.66 1.27 9.86
CA SER A 55 -8.82 0.51 10.84
C SER A 55 -8.88 -1.00 10.52
N LYS A 56 -10.02 -1.48 9.98
CA LYS A 56 -10.23 -2.96 9.93
C LYS A 56 -9.76 -3.68 11.17
N SER A 57 -10.09 -3.15 12.37
CA SER A 57 -9.53 -3.73 13.60
C SER A 57 -10.69 -3.84 14.58
N VAL A 58 -10.94 -5.07 15.05
CA VAL A 58 -12.04 -5.33 16.00
C VAL A 58 -12.09 -4.37 17.24
N PRO A 59 -10.97 -4.15 17.93
CA PRO A 59 -11.04 -3.31 19.10
C PRO A 59 -11.28 -1.84 18.79
N VAL A 60 -10.89 -1.38 17.59
CA VAL A 60 -11.14 0.01 17.26
C VAL A 60 -12.66 0.18 17.06
N ALA A 61 -13.22 -0.73 16.26
CA ALA A 61 -14.66 -0.66 16.03
C ALA A 61 -15.42 -0.89 17.35
N ALA A 62 -14.89 -1.72 18.20
CA ALA A 62 -15.53 -1.94 19.54
C ALA A 62 -15.64 -0.61 20.35
N ALA A 63 -14.60 0.19 20.25
CA ALA A 63 -14.55 1.50 20.94
C ALA A 63 -15.58 2.45 20.29
N GLN A 64 -15.71 2.40 18.95
CA GLN A 64 -16.71 3.23 18.28
C GLN A 64 -18.12 2.79 18.71
N ARG A 65 -18.32 1.46 18.76
CA ARG A 65 -19.65 0.99 19.25
C ARG A 65 -19.91 1.35 20.69
N ALA A 66 -18.88 1.19 21.54
CA ALA A 66 -19.11 1.54 22.98
C ALA A 66 -19.52 3.01 23.16
N ALA A 67 -19.03 3.91 22.31
CA ALA A 67 -19.39 5.33 22.38
C ALA A 67 -20.80 5.65 21.83
N GLY A 68 -21.45 4.67 21.16
CA GLY A 68 -22.84 4.88 20.71
C GLY A 68 -23.08 4.63 19.22
N ALA A 69 -22.07 4.14 18.46
CA ALA A 69 -22.27 3.87 17.02
C ALA A 69 -23.34 2.82 16.82
N SER A 70 -24.02 2.89 15.68
CA SER A 70 -25.11 1.96 15.31
C SER A 70 -24.73 1.25 14.01
N GLY A 71 -24.24 0.02 14.15
CA GLY A 71 -23.85 -0.74 12.95
C GLY A 71 -22.49 -0.27 12.41
N ILE A 72 -22.05 -0.86 11.31
CA ILE A 72 -20.80 -0.42 10.61
C ILE A 72 -21.01 -0.37 9.12
N THR A 73 -20.07 0.27 8.43
CA THR A 73 -19.98 0.26 7.00
C THR A 73 -18.67 -0.44 6.70
N VAL A 74 -18.67 -1.32 5.72
CA VAL A 74 -17.45 -2.04 5.30
C VAL A 74 -17.20 -1.79 3.80
N SER A 75 -15.93 -1.91 3.39
CA SER A 75 -15.57 -1.67 1.96
C SER A 75 -15.28 -2.97 1.18
N THR A 76 -15.37 -4.11 1.86
CA THR A 76 -15.14 -5.43 1.22
C THR A 76 -15.91 -6.50 2.03
N LEU A 77 -16.21 -7.64 1.43
CA LEU A 77 -16.92 -8.69 2.15
C LEU A 77 -15.96 -9.39 3.09
N LYS A 78 -14.65 -9.26 2.85
CA LYS A 78 -13.70 -9.85 3.87
C LYS A 78 -13.92 -9.14 5.19
N GLU A 79 -14.09 -7.81 5.16
CA GLU A 79 -14.31 -7.07 6.45
C GLU A 79 -15.68 -7.51 7.02
N ALA A 80 -16.68 -7.75 6.16
CA ALA A 80 -17.96 -8.20 6.72
C ALA A 80 -17.72 -9.53 7.41
N GLU A 81 -16.92 -10.43 6.82
CA GLU A 81 -16.70 -11.75 7.46
C GLU A 81 -16.03 -11.58 8.82
N GLN A 82 -15.04 -10.69 8.87
CA GLN A 82 -14.25 -10.49 10.10
C GLN A 82 -15.10 -9.93 11.22
N PHE A 83 -15.86 -8.86 10.97
CA PHE A 83 -16.65 -8.20 11.95
C PHE A 83 -17.84 -9.04 12.38
N PHE A 84 -18.45 -9.72 11.40
CA PHE A 84 -19.52 -10.68 11.76
C PHE A 84 -18.97 -11.80 12.70
N ALA A 85 -17.77 -12.30 12.39
CA ALA A 85 -17.25 -13.42 13.22
C ALA A 85 -16.93 -12.91 14.59
N ALA A 86 -16.81 -11.57 14.76
CA ALA A 86 -16.55 -10.92 16.02
C ALA A 86 -17.86 -10.49 16.70
N GLY A 87 -19.02 -10.84 16.14
CA GLY A 87 -20.25 -10.49 16.80
C GLY A 87 -21.03 -9.27 16.27
N THR A 88 -20.55 -8.61 15.23
CA THR A 88 -21.30 -7.45 14.68
C THR A 88 -22.20 -7.87 13.50
N THR A 89 -23.49 -7.59 13.57
CA THR A 89 -24.39 -8.18 12.56
C THR A 89 -24.98 -7.12 11.65
N ASP A 90 -24.89 -5.84 12.04
CA ASP A 90 -25.60 -4.79 11.26
C ASP A 90 -24.50 -4.17 10.38
N ILE A 91 -24.39 -4.72 9.17
CA ILE A 91 -23.23 -4.42 8.33
C ILE A 91 -23.71 -3.94 6.95
N LEU A 92 -23.21 -2.78 6.56
CA LEU A 92 -23.50 -2.25 5.23
C LEU A 92 -22.27 -2.36 4.34
N TYR A 93 -22.38 -3.05 3.19
CA TYR A 93 -21.19 -3.21 2.32
C TYR A 93 -21.37 -2.12 1.24
N ALA A 94 -20.69 -0.98 1.43
CA ALA A 94 -21.03 0.18 0.66
C ALA A 94 -20.12 0.30 -0.56
N VAL A 95 -20.13 -0.73 -1.45
CA VAL A 95 -19.44 -0.65 -2.72
C VAL A 95 -20.37 -1.30 -3.74
N SER A 96 -20.65 -0.69 -4.90
CA SER A 96 -21.59 -1.27 -5.87
C SER A 96 -21.39 -2.76 -5.94
N MET A 97 -22.50 -3.49 -5.75
CA MET A 97 -22.43 -4.96 -5.63
C MET A 97 -22.03 -5.61 -6.96
N ALA A 98 -21.00 -6.45 -6.95
CA ALA A 98 -20.71 -7.28 -8.11
C ALA A 98 -21.55 -8.56 -8.06
N PRO A 99 -22.26 -8.87 -9.17
CA PRO A 99 -23.10 -10.10 -9.12
C PRO A 99 -22.33 -11.36 -8.73
N HIS A 100 -21.05 -11.47 -9.09
CA HIS A 100 -20.33 -12.69 -8.81
C HIS A 100 -20.09 -12.89 -7.32
N ARG A 101 -20.21 -11.84 -6.50
CA ARG A 101 -20.04 -11.94 -5.03
C ARG A 101 -21.40 -12.29 -4.36
N LEU A 102 -22.46 -12.46 -5.13
CA LEU A 102 -23.78 -12.80 -4.51
C LEU A 102 -23.78 -14.12 -3.68
N PRO A 103 -23.07 -15.18 -4.15
CA PRO A 103 -23.04 -16.37 -3.27
C PRO A 103 -22.43 -16.09 -1.88
N GLN A 104 -21.41 -15.25 -1.81
CA GLN A 104 -20.73 -14.87 -0.56
CA GLN A 104 -20.78 -14.90 -0.52
C GLN A 104 -21.70 -14.03 0.31
N ALA A 105 -22.39 -13.09 -0.32
CA ALA A 105 -23.34 -12.29 0.43
C ALA A 105 -24.47 -13.16 0.95
N LEU A 106 -24.96 -14.05 0.10
CA LEU A 106 -26.03 -14.93 0.57
C LEU A 106 -25.61 -15.75 1.79
N GLN A 107 -24.42 -16.36 1.71
CA GLN A 107 -23.96 -17.25 2.79
C GLN A 107 -23.83 -16.43 4.12
N LEU A 108 -23.28 -15.22 4.04
CA LEU A 108 -23.30 -14.32 5.23
C LEU A 108 -24.71 -14.08 5.78
N ARG A 109 -25.70 -13.72 4.91
CA ARG A 109 -27.06 -13.53 5.39
C ARG A 109 -27.63 -14.80 6.05
N ARG A 110 -27.41 -15.97 5.44
CA ARG A 110 -27.99 -17.21 5.93
C ARG A 110 -27.35 -17.58 7.28
N ARG A 111 -26.14 -17.14 7.47
CA ARG A 111 -25.39 -17.35 8.73
C ARG A 111 -25.87 -16.38 9.87
N GLY A 112 -26.64 -15.37 9.49
CA GLY A 112 -27.24 -14.47 10.52
C GLY A 112 -26.67 -13.05 10.47
N CYS A 113 -25.84 -12.74 9.47
CA CYS A 113 -25.33 -11.34 9.31
C CYS A 113 -26.40 -10.53 8.63
N ASP A 114 -26.82 -9.39 9.22
CA ASP A 114 -27.85 -8.57 8.52
C ASP A 114 -27.10 -7.65 7.51
N LEU A 115 -26.59 -8.31 6.46
CA LEU A 115 -25.66 -7.69 5.52
C LEU A 115 -26.50 -6.93 4.47
N LYS A 116 -26.23 -5.61 4.31
CA LYS A 116 -26.91 -4.73 3.31
C LYS A 116 -25.98 -4.50 2.12
N LEU A 117 -26.57 -4.50 0.92
CA LEU A 117 -25.79 -4.30 -0.31
C LEU A 117 -26.27 -2.97 -0.94
N ILE A 118 -25.49 -2.44 -1.87
CA ILE A 118 -25.90 -1.26 -2.61
C ILE A 118 -25.75 -1.46 -4.11
N VAL A 119 -26.54 -0.72 -4.86
CA VAL A 119 -26.45 -0.74 -6.31
C VAL A 119 -26.78 0.66 -6.88
N ASP A 120 -26.43 0.86 -8.14
CA ASP A 120 -26.78 2.10 -8.83
C ASP A 120 -27.12 1.83 -10.29
N SER A 121 -27.55 0.62 -10.61
CA SER A 121 -27.92 0.32 -12.00
C SER A 121 -29.07 -0.67 -12.00
N VAL A 122 -29.84 -0.64 -13.09
CA VAL A 122 -30.89 -1.62 -13.26
C VAL A 122 -30.28 -3.03 -13.36
N ALA A 123 -29.19 -3.18 -14.08
CA ALA A 123 -28.63 -4.52 -14.32
C ALA A 123 -28.18 -5.13 -12.98
N ALA A 124 -27.55 -4.34 -12.13
CA ALA A 124 -27.10 -4.93 -10.85
C ALA A 124 -28.31 -5.28 -9.97
N ALA A 125 -29.33 -4.41 -9.93
CA ALA A 125 -30.56 -4.71 -9.20
C ALA A 125 -31.24 -5.97 -9.73
N GLN A 126 -31.33 -6.13 -11.07
CA GLN A 126 -31.89 -7.34 -11.66
C GLN A 126 -31.13 -8.63 -11.26
N ALA A 127 -29.82 -8.57 -11.24
CA ALA A 127 -28.95 -9.73 -10.85
C ALA A 127 -29.25 -10.09 -9.36
N ILE A 128 -29.26 -9.08 -8.49
CA ILE A 128 -29.62 -9.38 -7.09
C ILE A 128 -31.01 -10.01 -6.94
N ALA A 129 -32.00 -9.40 -7.57
CA ALA A 129 -33.35 -9.79 -7.27
C ALA A 129 -33.61 -11.18 -7.86
N ALA A 130 -33.04 -11.45 -9.03
CA ALA A 130 -33.25 -12.77 -9.66
C ALA A 130 -32.55 -13.90 -8.83
N PHE A 131 -31.33 -13.63 -8.39
CA PHE A 131 -30.62 -14.55 -7.50
C PHE A 131 -31.39 -14.70 -6.19
N GLY A 132 -31.87 -13.59 -5.63
CA GLY A 132 -32.66 -13.66 -4.34
C GLY A 132 -33.93 -14.52 -4.44
N ARG A 133 -34.64 -14.36 -5.52
CA ARG A 133 -35.81 -15.18 -5.74
C ARG A 133 -35.44 -16.64 -5.89
N GLU A 134 -34.39 -16.93 -6.67
CA GLU A 134 -34.01 -18.33 -6.91
C GLU A 134 -33.62 -19.04 -5.58
N GLN A 135 -32.96 -18.28 -4.71
CA GLN A 135 -32.32 -18.80 -3.46
C GLN A 135 -33.20 -18.61 -2.21
N GLY A 136 -34.33 -17.97 -2.38
CA GLY A 136 -35.28 -17.70 -1.29
C GLY A 136 -34.80 -16.62 -0.35
N GLU A 137 -34.08 -15.62 -0.89
CA GLU A 137 -33.51 -14.60 0.01
C GLU A 137 -33.99 -13.18 -0.41
N ALA A 138 -34.66 -12.46 0.52
CA ALA A 138 -35.08 -11.08 0.26
C ALA A 138 -33.87 -10.25 0.67
N PHE A 139 -32.86 -10.18 -0.20
CA PHE A 139 -31.74 -9.25 0.08
C PHE A 139 -32.22 -7.84 0.39
N GLU A 140 -31.53 -7.19 1.32
CA GLU A 140 -31.74 -5.73 1.54
C GLU A 140 -30.74 -4.96 0.72
N VAL A 141 -31.24 -4.04 -0.10
CA VAL A 141 -30.40 -3.30 -1.04
C VAL A 141 -30.76 -1.84 -0.90
N TRP A 142 -29.73 -0.99 -0.86
CA TRP A 142 -29.94 0.48 -0.90
C TRP A 142 -29.47 0.97 -2.25
N ILE A 143 -30.02 2.09 -2.68
CA ILE A 143 -29.64 2.68 -3.95
C ILE A 143 -28.65 3.82 -3.68
N GLU A 144 -27.52 3.81 -4.37
CA GLU A 144 -26.46 4.82 -4.13
C GLU A 144 -26.80 6.01 -5.05
N ILE A 145 -26.65 7.21 -4.49
CA ILE A 145 -27.03 8.42 -5.16
C ILE A 145 -25.69 9.20 -5.29
N ASP A 146 -25.53 9.82 -6.47
CA ASP A 146 -24.39 10.63 -6.80
C ASP A 146 -24.83 12.04 -6.47
N THR A 147 -24.30 12.66 -5.41
CA THR A 147 -24.81 14.03 -5.08
C THR A 147 -23.79 15.15 -5.43
N ASP A 148 -22.59 14.73 -5.83
CA ASP A 148 -21.54 15.69 -6.14
C ASP A 148 -20.58 15.38 -7.33
N GLY A 149 -20.88 14.37 -8.16
CA GLY A 149 -20.05 13.96 -9.31
C GLY A 149 -18.73 13.24 -9.03
N HIS A 150 -18.52 12.79 -7.80
CA HIS A 150 -17.25 12.22 -7.37
C HIS A 150 -16.95 10.81 -7.88
N ARG A 151 -17.96 9.94 -7.92
CA ARG A 151 -17.72 8.46 -8.06
C ARG A 151 -19.01 7.75 -8.54
N SER A 152 -19.54 6.75 -7.77
CA SER A 152 -20.72 5.96 -8.23
C SER A 152 -22.02 6.69 -7.92
N GLY A 153 -23.12 6.09 -8.38
CA GLY A 153 -24.42 6.55 -7.96
C GLY A 153 -25.30 7.10 -9.04
N VAL A 154 -26.60 7.00 -8.78
CA VAL A 154 -27.66 7.56 -9.61
C VAL A 154 -27.66 9.08 -9.39
N GLY A 155 -27.59 9.85 -10.48
CA GLY A 155 -27.65 11.33 -10.42
C GLY A 155 -28.84 11.70 -9.53
N ALA A 156 -28.63 12.61 -8.58
CA ALA A 156 -29.71 13.04 -7.66
C ALA A 156 -30.95 13.58 -8.42
N ASP A 157 -30.76 14.21 -9.56
CA ASP A 157 -31.99 14.61 -10.30
C ASP A 157 -32.50 13.57 -11.33
N ASP A 158 -31.79 12.43 -11.43
CA ASP A 158 -32.15 11.38 -12.41
C ASP A 158 -33.27 10.43 -11.93
N THR A 159 -34.47 10.96 -11.78
CA THR A 159 -35.62 10.19 -11.31
C THR A 159 -35.98 8.93 -12.11
N PRO A 160 -35.97 8.97 -13.47
CA PRO A 160 -36.39 7.72 -14.10
C PRO A 160 -35.49 6.52 -13.74
N LEU A 161 -34.17 6.75 -13.65
CA LEU A 161 -33.22 5.70 -13.28
C LEU A 161 -33.47 5.24 -11.83
N LEU A 162 -33.61 6.22 -10.95
CA LEU A 162 -33.90 5.96 -9.53
C LEU A 162 -35.13 5.06 -9.38
N LEU A 163 -36.26 5.44 -10.01
CA LEU A 163 -37.49 4.68 -9.90
C LEU A 163 -37.37 3.28 -10.53
N ALA A 164 -36.63 3.20 -11.64
CA ALA A 164 -36.53 1.92 -12.37
C ALA A 164 -35.81 0.93 -11.46
N ILE A 165 -34.77 1.44 -10.78
CA ILE A 165 -33.98 0.58 -9.88
C ILE A 165 -34.85 0.20 -8.67
N GLY A 166 -35.55 1.20 -8.13
CA GLY A 166 -36.36 0.94 -6.96
C GLY A 166 -37.47 -0.07 -7.25
N ARG A 167 -38.05 0.04 -8.44
CA ARG A 167 -39.13 -0.89 -8.80
CA ARG A 167 -39.13 -0.88 -8.88
C ARG A 167 -38.54 -2.27 -9.07
N THR A 168 -37.37 -2.34 -9.70
CA THR A 168 -36.71 -3.62 -9.88
C THR A 168 -36.56 -4.39 -8.57
N LEU A 169 -36.05 -3.69 -7.54
CA LEU A 169 -35.83 -4.28 -6.24
C LEU A 169 -37.14 -4.63 -5.58
N HIS A 170 -38.05 -3.68 -5.49
CA HIS A 170 -39.24 -3.89 -4.69
C HIS A 170 -40.24 -4.81 -5.37
N ASP A 171 -40.45 -4.61 -6.65
CA ASP A 171 -41.31 -5.52 -7.40
C ASP A 171 -40.68 -6.91 -7.54
N GLY A 172 -39.35 -6.98 -7.49
CA GLY A 172 -38.59 -8.21 -7.56
C GLY A 172 -38.52 -9.04 -6.26
N GLY A 173 -39.20 -8.59 -5.20
CA GLY A 173 -39.29 -9.29 -3.93
C GLY A 173 -38.13 -8.99 -2.97
N MET A 174 -37.27 -8.03 -3.33
CA MET A 174 -36.16 -7.67 -2.45
C MET A 174 -36.64 -6.58 -1.48
N ARG A 175 -35.82 -6.28 -0.49
CA ARG A 175 -36.13 -5.24 0.49
C ARG A 175 -35.37 -4.00 0.08
N LEU A 176 -36.11 -3.02 -0.42
CA LEU A 176 -35.51 -1.75 -0.79
C LEU A 176 -35.35 -1.01 0.53
N GLY A 177 -34.11 -0.89 1.02
CA GLY A 177 -33.95 -0.55 2.41
C GLY A 177 -33.66 0.96 2.59
N GLY A 178 -33.28 1.66 1.52
CA GLY A 178 -32.78 3.02 1.76
C GLY A 178 -32.02 3.59 0.58
N VAL A 179 -31.55 4.83 0.72
CA VAL A 179 -30.63 5.47 -0.26
C VAL A 179 -29.38 5.90 0.53
N LEU A 180 -28.25 5.99 -0.17
CA LEU A 180 -27.07 6.49 0.52
C LEU A 180 -26.28 7.31 -0.48
N THR A 181 -25.46 8.23 0.06
CA THR A 181 -24.55 8.93 -0.83
C THR A 181 -23.26 9.18 -0.09
N HIS A 182 -22.14 9.35 -0.84
CA HIS A 182 -20.90 9.79 -0.22
C HIS A 182 -20.32 10.96 -0.98
N ALA A 183 -20.25 12.13 -0.33
CA ALA A 183 -19.83 13.33 -1.06
C ALA A 183 -18.30 13.43 -0.98
N GLY A 184 -17.65 12.46 -1.62
CA GLY A 184 -16.18 12.38 -1.57
C GLY A 184 -15.45 13.58 -2.18
N SER A 185 -16.14 14.46 -2.92
CA SER A 185 -15.44 15.69 -3.45
C SER A 185 -15.09 16.62 -2.31
N SER A 186 -15.62 16.35 -1.10
CA SER A 186 -15.27 17.16 0.10
C SER A 186 -13.76 17.19 0.27
N TYR A 187 -13.11 16.14 -0.20
CA TYR A 187 -11.63 16.08 -0.09
C TYR A 187 -10.86 17.17 -0.86
N GLU A 188 -11.47 17.83 -1.81
CA GLU A 188 -10.82 18.93 -2.57
C GLU A 188 -11.05 20.29 -1.89
N LEU A 189 -11.83 20.35 -0.82
CA LEU A 189 -12.10 21.63 -0.14
C LEU A 189 -11.23 21.92 1.03
N ASP A 190 -11.19 23.19 1.44
CA ASP A 190 -10.32 23.50 2.56
C ASP A 190 -10.84 24.76 3.25
N THR A 191 -12.13 25.07 3.10
CA THR A 191 -12.76 26.16 3.85
C THR A 191 -14.09 25.70 4.53
N PRO A 192 -14.41 26.26 5.72
CA PRO A 192 -15.65 25.93 6.42
C PRO A 192 -16.92 26.20 5.55
N GLU A 193 -16.93 27.29 4.80
CA GLU A 193 -18.09 27.63 3.96
C GLU A 193 -18.30 26.61 2.86
N ALA A 194 -17.20 26.21 2.21
CA ALA A 194 -17.32 25.30 1.07
C ALA A 194 -17.74 23.94 1.63
N LEU A 195 -17.18 23.53 2.76
CA LEU A 195 -17.58 22.23 3.36
C LEU A 195 -19.04 22.22 3.76
N GLN A 196 -19.48 23.33 4.35
CA GLN A 196 -20.89 23.40 4.79
C GLN A 196 -21.84 23.31 3.58
N ALA A 197 -21.47 23.97 2.48
CA ALA A 197 -22.35 24.02 1.32
C ALA A 197 -22.43 22.61 0.67
N LEU A 198 -21.27 21.93 0.59
CA LEU A 198 -21.19 20.58 0.06
C LEU A 198 -22.01 19.61 0.96
N ALA A 199 -21.83 19.75 2.29
CA ALA A 199 -22.61 18.90 3.23
C ALA A 199 -24.09 19.12 2.98
N GLU A 200 -24.52 20.38 2.71
CA GLU A 200 -25.95 20.63 2.41
C GLU A 200 -26.40 20.02 1.09
N ARG A 201 -25.52 20.02 0.11
CA ARG A 201 -25.82 19.52 -1.22
C ARG A 201 -25.94 18.00 -1.13
N GLU A 202 -25.10 17.43 -0.27
CA GLU A 202 -25.07 16.00 0.01
C GLU A 202 -26.38 15.60 0.69
N ARG A 203 -26.71 16.27 1.80
CA ARG A 203 -28.00 16.03 2.49
C ARG A 203 -29.18 16.20 1.52
N ALA A 204 -29.26 17.37 0.85
CA ALA A 204 -30.42 17.64 -0.01
C ALA A 204 -30.65 16.61 -1.13
N GLY A 205 -29.57 16.23 -1.80
CA GLY A 205 -29.71 15.31 -2.91
C GLY A 205 -30.08 13.91 -2.42
N CYS A 206 -29.53 13.46 -1.28
CA CYS A 206 -29.89 12.13 -0.74
C CYS A 206 -31.37 12.16 -0.30
N VAL A 207 -31.79 13.23 0.37
CA VAL A 207 -33.21 13.41 0.74
C VAL A 207 -34.17 13.47 -0.46
N GLN A 208 -33.78 14.23 -1.47
CA GLN A 208 -34.57 14.33 -2.70
C GLN A 208 -34.87 12.92 -3.27
N ALA A 209 -33.84 12.08 -3.28
CA ALA A 209 -33.96 10.74 -3.83
C ALA A 209 -34.92 9.92 -2.98
N ALA A 210 -34.76 9.98 -1.63
CA ALA A 210 -35.73 9.26 -0.75
C ALA A 210 -37.16 9.74 -0.99
N GLU A 211 -37.33 11.05 -1.11
CA GLU A 211 -38.71 11.57 -1.25
C GLU A 211 -39.34 11.12 -2.57
N ALA A 212 -38.49 11.09 -3.62
CA ALA A 212 -38.94 10.64 -4.91
C ALA A 212 -39.36 9.14 -4.87
N LEU A 213 -38.59 8.26 -4.19
CA LEU A 213 -39.02 6.86 -4.03
C LEU A 213 -40.39 6.77 -3.32
N ARG A 214 -40.50 7.50 -2.19
CA ARG A 214 -41.71 7.49 -1.35
C ARG A 214 -42.92 8.03 -2.16
N ALA A 215 -42.68 9.10 -2.93
CA ALA A 215 -43.76 9.66 -3.75
C ALA A 215 -44.24 8.66 -4.81
N ALA A 216 -43.36 7.73 -5.24
CA ALA A 216 -43.76 6.65 -6.20
C ALA A 216 -44.39 5.37 -5.51
N GLY A 217 -44.66 5.47 -4.21
CA GLY A 217 -45.13 4.34 -3.40
C GLY A 217 -44.04 3.28 -3.08
N LEU A 218 -42.76 3.64 -3.10
CA LEU A 218 -41.69 2.63 -2.80
C LEU A 218 -41.15 2.89 -1.40
N PRO A 219 -40.73 1.82 -0.66
CA PRO A 219 -40.22 2.08 0.71
C PRO A 219 -38.84 2.71 0.62
N CYS A 220 -38.51 3.60 1.57
CA CYS A 220 -37.13 4.09 1.62
C CYS A 220 -36.85 4.51 3.09
N PRO A 221 -36.69 3.51 3.99
CA PRO A 221 -36.67 3.94 5.40
C PRO A 221 -35.36 4.58 5.84
N VAL A 222 -34.24 4.28 5.15
CA VAL A 222 -32.96 4.83 5.52
C VAL A 222 -32.48 5.86 4.52
N VAL A 223 -31.96 6.97 5.05
CA VAL A 223 -31.33 8.00 4.21
C VAL A 223 -29.93 8.15 4.85
N SER A 224 -28.86 7.77 4.15
CA SER A 224 -27.56 7.63 4.77
C SER A 224 -26.60 8.54 3.97
N VAL A 225 -25.96 9.48 4.62
CA VAL A 225 -24.95 10.35 3.95
C VAL A 225 -23.60 10.23 4.65
N GLY A 226 -22.54 10.74 4.00
CA GLY A 226 -21.39 11.14 4.82
C GLY A 226 -20.00 10.95 4.20
N SER A 227 -19.11 11.79 4.67
CA SER A 227 -17.64 11.64 4.51
C SER A 227 -17.18 12.26 5.82
N THR A 228 -15.95 12.04 6.28
CA THR A 228 -15.57 12.70 7.54
C THR A 228 -15.73 14.26 7.44
N PRO A 229 -15.22 14.93 6.36
CA PRO A 229 -15.36 16.41 6.32
C PRO A 229 -16.82 16.85 6.34
N THR A 230 -17.69 16.23 5.53
CA THR A 230 -19.13 16.70 5.61
C THR A 230 -19.82 16.35 6.94
N ALA A 231 -19.43 15.24 7.57
CA ALA A 231 -20.09 14.84 8.84
C ALA A 231 -19.78 15.95 9.85
N LEU A 232 -18.53 16.44 9.83
CA LEU A 232 -18.09 17.48 10.83
C LEU A 232 -18.54 18.89 10.46
N ALA A 233 -18.85 19.15 9.19
CA ALA A 233 -19.21 20.51 8.71
C ALA A 233 -20.70 20.77 8.56
N ALA A 234 -21.51 19.73 8.52
CA ALA A 234 -22.90 19.93 8.19
C ALA A 234 -23.60 20.79 9.23
N SER A 235 -24.33 21.78 8.75
CA SER A 235 -25.02 22.57 9.74
C SER A 235 -26.34 21.95 10.19
N ARG A 236 -27.05 21.24 9.32
CA ARG A 236 -28.25 20.52 9.70
CA ARG A 236 -28.33 20.59 9.61
C ARG A 236 -28.40 19.27 8.84
N LEU A 237 -29.15 18.31 9.36
CA LEU A 237 -29.27 16.99 8.67
C LEU A 237 -30.72 16.53 8.60
N ASP A 238 -31.66 17.50 8.47
CA ASP A 238 -33.05 17.13 8.33
C ASP A 238 -33.22 16.08 7.26
N GLY A 239 -34.04 15.06 7.53
CA GLY A 239 -34.39 14.06 6.55
C GLY A 239 -33.40 12.88 6.49
N VAL A 240 -32.25 13.00 7.17
CA VAL A 240 -31.18 11.96 7.19
C VAL A 240 -31.38 11.04 8.40
N THR A 241 -31.14 9.73 8.24
CA THR A 241 -31.30 8.84 9.36
CA THR A 241 -31.30 8.77 9.31
C THR A 241 -29.93 8.44 9.98
N GLU A 242 -28.86 8.45 9.17
CA GLU A 242 -27.52 8.11 9.60
C GLU A 242 -26.44 8.77 8.78
N VAL A 243 -25.27 8.86 9.39
CA VAL A 243 -24.06 9.42 8.75
C VAL A 243 -23.06 8.37 8.81
N ARG A 244 -22.31 8.25 7.72
CA ARG A 244 -21.19 7.29 7.69
C ARG A 244 -19.90 8.11 7.66
N ALA A 245 -18.97 7.80 8.53
CA ALA A 245 -17.62 8.44 8.53
C ALA A 245 -16.66 7.40 9.07
N GLY A 246 -15.41 7.48 8.62
CA GLY A 246 -14.41 6.46 9.03
C GLY A 246 -13.07 7.10 9.42
N VAL A 247 -12.52 8.00 8.56
CA VAL A 247 -11.10 8.40 8.81
C VAL A 247 -10.96 9.22 10.12
N TYR A 248 -12.08 9.84 10.54
CA TYR A 248 -12.03 10.66 11.79
C TYR A 248 -11.55 9.87 13.00
N VAL A 249 -11.71 8.53 13.01
CA VAL A 249 -11.30 7.80 14.22
C VAL A 249 -9.82 8.08 14.56
N PHE A 250 -8.98 8.24 13.52
CA PHE A 250 -7.57 8.59 13.78
C PHE A 250 -7.21 9.99 13.29
N PHE A 251 -7.94 10.49 12.25
CA PHE A 251 -7.53 11.73 11.52
C PHE A 251 -6.16 11.53 10.82
N ASP A 252 -5.76 12.54 10.05
CA ASP A 252 -4.47 12.47 9.29
C ASP A 252 -4.18 13.84 8.79
N LEU A 253 -3.12 14.02 8.02
CA LEU A 253 -2.75 15.38 7.62
C LEU A 253 -3.62 15.86 6.47
N VAL A 254 -4.18 14.95 5.63
CA VAL A 254 -5.12 15.43 4.60
C VAL A 254 -6.34 16.11 5.31
N MET A 255 -6.80 15.50 6.39
CA MET A 255 -7.93 16.04 7.14
C MET A 255 -7.54 17.34 7.77
N ARG A 256 -6.28 17.41 8.25
CA ARG A 256 -5.85 18.65 8.90
C ARG A 256 -5.88 19.77 7.90
N ASN A 257 -5.37 19.47 6.71
CA ASN A 257 -5.37 20.51 5.65
C ASN A 257 -6.80 20.88 5.12
N ILE A 258 -7.70 19.90 5.11
CA ILE A 258 -9.13 20.20 4.78
C ILE A 258 -9.69 21.18 5.84
N GLY A 259 -9.14 21.06 7.08
CA GLY A 259 -9.44 22.03 8.13
C GLY A 259 -10.35 21.46 9.20
N VAL A 260 -10.56 20.14 9.26
CA VAL A 260 -11.55 19.61 10.19
C VAL A 260 -10.83 19.05 11.43
N CYS A 261 -9.50 19.09 11.46
CA CYS A 261 -8.80 18.69 12.69
C CYS A 261 -7.47 19.46 12.74
N ALA A 262 -6.73 19.29 13.85
CA ALA A 262 -5.37 19.89 13.99
C ALA A 262 -4.43 18.72 13.94
N ALA A 263 -3.15 19.00 13.64
CA ALA A 263 -2.18 17.89 13.58
C ALA A 263 -2.13 17.17 14.96
N GLU A 264 -2.28 17.95 16.05
CA GLU A 264 -2.28 17.39 17.43
C GLU A 264 -3.39 16.36 17.64
N ASP A 265 -4.44 16.36 16.82
CA ASP A 265 -5.54 15.44 16.99
C ASP A 265 -5.30 14.07 16.30
N VAL A 266 -4.23 13.95 15.48
CA VAL A 266 -4.02 12.75 14.69
C VAL A 266 -3.55 11.65 15.67
N ALA A 267 -4.30 10.55 15.69
CA ALA A 267 -4.12 9.51 16.73
C ALA A 267 -3.22 8.40 16.18
N LEU A 268 -2.96 8.36 14.87
CA LEU A 268 -2.11 7.26 14.32
C LEU A 268 -0.76 7.88 13.93
N SER A 269 0.32 7.24 14.37
CA SER A 269 1.65 7.70 13.90
C SER A 269 2.47 6.44 13.66
N VAL A 270 3.50 6.62 12.84
CA VAL A 270 4.42 5.50 12.59
C VAL A 270 5.73 5.69 13.33
N LEU A 271 6.01 4.77 14.26
CA LEU A 271 7.22 4.87 15.11
C LEU A 271 8.38 4.39 14.18
N ALA A 272 9.43 5.18 14.13
CA ALA A 272 10.53 4.91 13.21
C ALA A 272 11.85 5.06 13.92
N THR A 273 12.90 4.37 13.45
CA THR A 273 14.23 4.61 14.03
C THR A 273 15.14 5.28 12.99
N VAL A 274 15.97 6.23 13.47
CA VAL A 274 17.02 6.85 12.61
C VAL A 274 18.15 5.81 12.44
N ILE A 275 18.37 5.43 11.19
CA ILE A 275 19.42 4.41 10.82
C ILE A 275 20.61 4.98 10.07
N GLY A 276 20.65 6.30 9.84
CA GLY A 276 21.87 6.90 9.28
C GLY A 276 21.55 8.35 8.86
N HIS A 277 22.47 8.96 8.10
CA HIS A 277 22.34 10.41 7.76
C HIS A 277 23.00 10.60 6.45
N GLN A 278 22.69 11.73 5.82
CA GLN A 278 23.54 12.33 4.75
C GLN A 278 23.80 13.73 5.21
N ALA A 279 24.94 13.92 5.82
CA ALA A 279 25.23 15.15 6.56
C ALA A 279 25.22 16.34 5.60
N ASP A 280 25.79 16.13 4.41
CA ASP A 280 25.91 17.21 3.43
C ASP A 280 24.57 17.79 3.06
N LYS A 281 23.56 16.96 3.03
CA LYS A 281 22.23 17.38 2.58
C LYS A 281 21.33 17.68 3.77
N GLY A 282 21.86 17.46 4.98
CA GLY A 282 20.99 17.57 6.19
C GLY A 282 19.84 16.57 6.27
N TRP A 283 20.12 15.32 5.85
CA TRP A 283 19.13 14.28 5.93
C TRP A 283 19.39 13.36 7.10
N ALA A 284 18.33 12.94 7.75
CA ALA A 284 18.41 11.75 8.62
C ALA A 284 17.62 10.67 7.88
N ILE A 285 18.18 9.48 7.84
CA ILE A 285 17.45 8.38 7.14
C ILE A 285 16.78 7.52 8.24
N VAL A 286 15.50 7.23 8.03
CA VAL A 286 14.72 6.45 9.00
C VAL A 286 14.27 5.16 8.32
N ASP A 287 13.90 4.20 9.15
CA ASP A 287 13.43 2.87 8.69
C ASP A 287 11.91 2.81 8.39
N ALA A 288 11.30 3.99 8.28
CA ALA A 288 9.91 4.10 7.76
C ALA A 288 10.01 4.70 6.34
N GLY A 289 10.00 3.80 5.36
CA GLY A 289 9.90 4.22 3.94
C GLY A 289 8.46 4.20 3.49
N TRP A 290 8.19 4.15 2.17
CA TRP A 290 6.85 4.12 1.70
C TRP A 290 6.19 2.80 1.99
N MET A 291 6.95 1.71 2.23
CA MET A 291 6.23 0.46 2.62
C MET A 291 5.61 0.64 4.01
N ALA A 292 6.20 1.51 4.87
CA ALA A 292 5.48 1.82 6.16
C ALA A 292 4.41 2.95 5.94
N MET A 293 4.75 4.04 5.22
CA MET A 293 3.85 5.19 5.22
C MET A 293 2.75 5.02 4.16
N SER A 294 2.98 4.05 3.25
CA SER A 294 2.24 4.02 1.94
C SER A 294 2.75 5.10 0.98
N ARG A 295 2.38 4.92 -0.30
CA ARG A 295 2.69 5.91 -1.33
C ARG A 295 1.71 7.12 -1.37
N ASP A 296 0.76 7.19 -0.43
CA ASP A 296 -0.20 8.27 -0.49
C ASP A 296 0.49 9.64 -0.29
N ARG A 297 0.23 10.54 -1.22
CA ARG A 297 0.80 11.91 -1.18
C ARG A 297 -0.35 12.93 -1.34
N GLY A 298 -1.41 12.64 -0.64
CA GLY A 298 -2.63 13.51 -0.75
C GLY A 298 -2.32 14.94 -0.34
N THR A 299 -1.37 15.17 0.59
CA THR A 299 -1.10 16.57 0.95
C THR A 299 -0.36 17.36 -0.15
N ALA A 300 0.19 16.67 -1.17
CA ALA A 300 0.94 17.39 -2.22
C ALA A 300 0.00 18.35 -2.96
N ARG A 301 -1.24 18.03 -3.03
CA ARG A 301 -2.18 18.88 -3.76
C ARG A 301 -2.89 19.88 -2.87
N GLN A 302 -2.43 20.04 -1.60
CA GLN A 302 -3.16 20.87 -0.65
C GLN A 302 -2.32 22.07 -0.33
N LYS A 303 -2.78 22.87 0.60
CA LYS A 303 -2.09 24.13 0.89
C LYS A 303 -0.78 24.00 1.65
N GLN A 304 -0.60 22.87 2.31
CA GLN A 304 0.69 22.58 2.91
C GLN A 304 1.11 21.12 2.63
N ASP A 305 2.22 21.02 1.89
CA ASP A 305 2.69 19.66 1.52
C ASP A 305 3.53 19.07 2.65
N PHE A 306 3.14 17.92 3.16
CA PHE A 306 3.91 17.25 4.26
C PHE A 306 4.84 16.12 3.77
N GLY A 307 5.09 16.06 2.47
CA GLY A 307 5.96 14.92 1.99
C GLY A 307 5.35 13.60 2.36
N TYR A 308 6.19 12.64 2.81
CA TYR A 308 5.66 11.34 3.27
C TYR A 308 5.33 11.32 4.77
N GLY A 309 5.30 12.50 5.37
CA GLY A 309 4.68 12.54 6.71
C GLY A 309 5.34 13.60 7.62
N GLN A 310 4.59 14.02 8.65
CA GLN A 310 5.08 15.08 9.55
C GLN A 310 5.84 14.41 10.68
N VAL A 311 7.05 14.89 10.95
CA VAL A 311 7.86 14.30 12.07
C VAL A 311 7.35 14.81 13.43
N CYS A 312 7.31 13.85 14.38
CA CYS A 312 7.09 14.15 15.82
C CYS A 312 8.17 13.46 16.63
N ASP A 313 8.42 13.95 17.81
CA ASP A 313 9.36 13.23 18.66
C ASP A 313 8.68 11.97 19.30
N LEU A 314 9.46 11.20 20.08
CA LEU A 314 8.94 9.93 20.57
C LEU A 314 7.77 10.18 21.50
N GLN A 315 7.71 11.38 22.13
CA GLN A 315 6.55 11.72 22.98
C GLN A 315 5.32 12.11 22.23
N GLY A 316 5.40 12.20 20.92
CA GLY A 316 4.31 12.60 20.04
C GLY A 316 4.25 14.13 19.83
N ARG A 317 5.24 14.89 20.24
CA ARG A 317 5.22 16.40 20.09
C ARG A 317 5.50 16.62 18.60
N VAL A 318 4.65 17.41 17.94
CA VAL A 318 4.91 17.68 16.50
C VAL A 318 6.14 18.57 16.41
N MET A 319 6.96 18.32 15.37
CA MET A 319 8.22 19.07 15.12
C MET A 319 8.06 19.76 13.79
N PRO A 320 7.42 20.95 13.80
CA PRO A 320 7.04 21.56 12.53
C PRO A 320 8.30 21.83 11.75
N GLY A 321 8.19 21.81 10.44
CA GLY A 321 9.45 22.09 9.75
C GLY A 321 10.34 20.83 9.46
N PHE A 322 10.17 19.71 10.17
CA PHE A 322 10.86 18.47 9.73
C PHE A 322 9.71 17.62 9.17
N VAL A 323 9.94 17.03 7.98
CA VAL A 323 8.93 16.11 7.38
C VAL A 323 9.77 15.02 6.68
N LEU A 324 9.11 13.98 6.19
CA LEU A 324 9.85 13.03 5.33
C LEU A 324 9.78 13.62 3.90
N THR A 325 10.86 14.20 3.46
CA THR A 325 10.86 14.87 2.16
C THR A 325 10.87 13.80 1.06
N GLY A 326 11.29 12.60 1.38
CA GLY A 326 11.32 11.59 0.26
C GLY A 326 11.20 10.22 0.88
N ALA A 327 10.94 9.20 0.06
CA ALA A 327 10.90 7.85 0.71
C ALA A 327 11.20 6.80 -0.37
N ASN A 328 12.06 5.82 -0.03
CA ASN A 328 12.12 4.62 -0.80
C ASN A 328 11.40 3.51 -0.06
N GLN A 329 11.55 2.26 -0.50
CA GLN A 329 10.61 1.24 0.04
C GLN A 329 10.74 1.09 1.54
N GLU A 330 12.01 0.92 1.99
CA GLU A 330 12.24 0.71 3.46
C GLU A 330 13.11 1.80 4.04
N HIS A 331 13.25 2.93 3.34
CA HIS A 331 14.08 4.06 3.88
C HIS A 331 13.28 5.31 3.71
N GLY A 332 13.11 6.08 4.77
CA GLY A 332 12.45 7.42 4.66
C GLY A 332 13.53 8.51 4.82
N ILE A 333 13.40 9.63 4.09
CA ILE A 333 14.41 10.69 4.17
C ILE A 333 13.78 11.82 4.97
N LEU A 334 14.24 12.06 6.19
CA LEU A 334 13.71 13.16 7.03
C LEU A 334 14.58 14.36 6.73
N ALA A 335 14.00 15.52 6.51
CA ALA A 335 14.84 16.65 6.25
C ALA A 335 13.98 17.91 6.54
N ARG A 336 14.61 19.08 6.45
CA ARG A 336 13.82 20.36 6.66
C ARG A 336 12.79 20.56 5.56
N ALA A 337 11.57 20.88 5.96
CA ALA A 337 10.56 21.24 5.01
C ALA A 337 11.01 22.48 4.25
N ASP A 338 11.84 23.36 4.81
CA ASP A 338 12.13 24.61 4.09
C ASP A 338 13.22 24.42 3.01
N GLY A 339 13.62 23.16 2.80
CA GLY A 339 14.61 22.83 1.78
C GLY A 339 16.01 23.16 2.12
N ALA A 340 16.31 23.75 3.31
CA ALA A 340 17.70 23.99 3.68
C ALA A 340 18.35 22.69 4.17
N ALA A 341 19.69 22.66 4.19
CA ALA A 341 20.37 21.49 4.74
C ALA A 341 20.62 21.77 6.20
N GLU A 342 19.85 21.09 7.06
CA GLU A 342 20.10 21.17 8.47
C GLU A 342 21.58 20.89 8.76
N ALA A 343 22.20 21.81 9.46
CA ALA A 343 23.63 21.64 9.77
C ALA A 343 23.77 20.55 10.87
N ASP A 344 24.80 19.75 10.82
CA ASP A 344 24.87 18.73 11.88
C ASP A 344 23.56 17.96 12.30
N ILE A 345 22.85 17.48 11.28
CA ILE A 345 21.66 16.73 11.49
C ILE A 345 21.96 15.51 12.40
N ALA A 346 23.15 14.94 12.32
CA ALA A 346 23.44 13.67 13.11
C ALA A 346 23.61 14.00 14.62
N THR A 347 23.94 15.22 14.89
CA THR A 347 24.10 15.65 16.31
C THR A 347 22.70 15.81 16.93
N ARG A 348 21.70 16.27 16.15
CA ARG A 348 20.35 16.41 16.56
C ARG A 348 19.60 15.06 16.69
N PHE A 349 19.84 14.17 15.69
CA PHE A 349 19.10 12.91 15.63
C PHE A 349 20.14 11.80 15.54
N PRO A 350 20.81 11.46 16.65
CA PRO A 350 21.83 10.41 16.56
C PRO A 350 21.26 9.09 16.11
N LEU A 351 22.15 8.27 15.55
CA LEU A 351 21.73 6.82 15.24
C LEU A 351 20.92 6.19 16.35
N GLY A 352 19.78 5.61 16.03
CA GLY A 352 18.99 4.84 17.00
C GLY A 352 17.88 5.73 17.54
N THR A 353 17.91 7.03 17.29
CA THR A 353 16.84 7.93 17.83
C THR A 353 15.50 7.48 17.29
N ARG A 354 14.44 7.46 18.13
CA ARG A 354 13.14 7.10 17.62
C ARG A 354 12.22 8.30 17.48
N LEU A 355 11.48 8.32 16.41
CA LEU A 355 10.56 9.45 16.06
C LEU A 355 9.21 8.83 15.66
N ARG A 356 8.18 9.68 15.56
CA ARG A 356 6.87 9.20 15.15
C ARG A 356 6.40 10.05 14.00
N ILE A 357 5.90 9.39 12.95
CA ILE A 357 5.58 10.18 11.74
C ILE A 357 4.06 10.18 11.53
N LEU A 358 3.48 11.38 11.36
CA LEU A 358 1.99 11.45 11.14
C LEU A 358 1.78 11.20 9.61
N PRO A 359 0.74 10.41 9.27
CA PRO A 359 0.47 10.08 7.87
C PRO A 359 -0.27 11.15 7.10
N ASN A 360 -0.04 11.16 5.77
CA ASN A 360 -0.93 11.85 4.86
C ASN A 360 -2.34 11.29 4.98
N ALA A 361 -2.47 9.97 4.88
CA ALA A 361 -3.82 9.36 4.78
C ALA A 361 -3.78 8.19 5.73
N ALA A 362 -4.60 8.26 6.79
CA ALA A 362 -4.58 7.21 7.83
C ALA A 362 -5.05 5.85 7.20
N CYS A 363 -6.02 5.90 6.27
CA CYS A 363 -6.57 4.61 5.73
C CYS A 363 -5.45 3.87 4.95
N ALA A 364 -4.60 4.64 4.24
CA ALA A 364 -3.55 4.09 3.39
C ALA A 364 -2.37 3.59 4.29
N THR A 365 -1.92 4.44 5.23
CA THR A 365 -0.86 4.03 6.13
C THR A 365 -1.23 2.78 6.94
N GLY A 366 -2.43 2.76 7.50
CA GLY A 366 -2.82 1.66 8.38
C GLY A 366 -2.81 0.31 7.60
N ALA A 367 -3.18 0.35 6.31
CA ALA A 367 -3.21 -0.87 5.51
C ALA A 367 -1.83 -1.50 5.29
N GLN A 368 -0.79 -0.73 5.52
CA GLN A 368 0.58 -1.26 5.40
CA GLN A 368 0.58 -1.27 5.39
C GLN A 368 1.00 -2.17 6.55
N PHE A 369 0.22 -2.19 7.66
CA PHE A 369 0.65 -2.97 8.85
C PHE A 369 -0.29 -4.15 9.18
N PRO A 370 0.28 -5.26 9.61
CA PRO A 370 -0.54 -6.36 10.00
C PRO A 370 -1.34 -6.02 11.29
N ALA A 371 -0.86 -5.02 12.04
CA ALA A 371 -1.47 -4.75 13.37
C ALA A 371 -1.06 -3.33 13.77
N TYR A 372 -1.91 -2.77 14.65
CA TYR A 372 -1.53 -1.53 15.38
C TYR A 372 -0.98 -1.85 16.76
N GLN A 373 -0.23 -0.87 17.27
CA GLN A 373 0.20 -0.92 18.68
C GLN A 373 -0.63 0.12 19.42
N ALA A 374 -1.52 -0.36 20.30
CA ALA A 374 -2.44 0.56 21.02
C ALA A 374 -1.72 1.06 22.27
N LEU A 375 -1.44 2.37 22.32
CA LEU A 375 -0.62 2.94 23.36
C LEU A 375 -1.52 3.52 24.47
N ALA A 376 -1.33 3.03 25.67
CA ALA A 376 -2.14 3.38 26.85
C ALA A 376 -1.46 4.54 27.52
N ALA A 377 -2.19 5.11 28.49
CA ALA A 377 -1.68 6.24 29.29
C ALA A 377 -0.37 5.94 30.05
N ASP A 378 -0.18 4.72 30.54
CA ASP A 378 1.08 4.38 31.24
C ASP A 378 2.27 4.11 30.29
N GLY A 379 2.09 4.31 28.97
CA GLY A 379 3.23 4.10 28.02
C GLY A 379 3.29 2.64 27.51
N SER A 380 2.49 1.73 28.07
CA SER A 380 2.46 0.31 27.59
C SER A 380 1.69 0.24 26.27
N VAL A 381 1.97 -0.82 25.48
CA VAL A 381 1.21 -0.99 24.25
C VAL A 381 0.58 -2.42 24.21
N GLN A 382 -0.53 -2.51 23.50
CA GLN A 382 -1.15 -3.83 23.23
C GLN A 382 -1.27 -3.91 21.70
N THR A 383 -0.99 -5.11 21.15
CA THR A 383 -1.11 -5.25 19.70
C THR A 383 -2.56 -5.54 19.32
N TRP A 384 -3.06 -4.77 18.34
CA TRP A 384 -4.47 -4.85 17.86
C TRP A 384 -4.38 -5.18 16.37
N GLU A 385 -4.59 -6.47 16.08
CA GLU A 385 -4.50 -6.89 14.67
C GLU A 385 -5.51 -6.18 13.77
N ARG A 386 -5.17 -6.07 12.49
CA ARG A 386 -6.15 -5.57 11.51
C ARG A 386 -6.11 -6.43 10.22
N LEU A 387 -7.09 -6.26 9.36
CA LEU A 387 -7.25 -7.15 8.17
C LEU A 387 -6.48 -6.60 6.99
N HIS A 388 -5.93 -7.53 6.19
CA HIS A 388 -5.28 -7.21 4.93
C HIS A 388 -5.94 -8.04 3.87
N GLY A 389 -6.15 -7.46 2.67
CA GLY A 389 -6.61 -8.29 1.48
C GLY A 389 -8.10 -8.42 1.37
N TRP A 390 -8.57 -9.47 0.65
CA TRP A 390 -9.96 -9.58 0.20
C TRP A 390 -10.41 -10.97 0.45
N HIS B 2 -7.95 -42.34 -7.69
CA HIS B 2 -8.58 -41.19 -8.40
C HIS B 2 -9.18 -40.10 -7.50
N HIS B 3 -9.19 -40.35 -6.19
CA HIS B 3 -9.85 -39.47 -5.19
C HIS B 3 -9.27 -38.09 -5.05
N HIS B 4 -7.95 -38.03 -4.86
CA HIS B 4 -7.22 -36.73 -4.80
C HIS B 4 -7.36 -35.93 -6.07
N HIS B 5 -7.24 -36.63 -7.21
CA HIS B 5 -7.46 -36.01 -8.52
C HIS B 5 -8.79 -35.30 -8.67
N HIS B 6 -9.91 -36.05 -8.53
CA HIS B 6 -11.29 -35.52 -8.78
C HIS B 6 -11.65 -34.35 -7.88
N HIS B 7 -11.30 -34.48 -6.59
CA HIS B 7 -11.50 -33.37 -5.64
C HIS B 7 -10.68 -32.13 -5.94
N ALA B 8 -9.40 -32.28 -6.32
CA ALA B 8 -8.54 -31.11 -6.71
C ALA B 8 -9.06 -30.39 -8.00
N MET B 9 -9.50 -31.17 -9.02
CA MET B 9 -10.12 -30.61 -10.25
C MET B 9 -11.26 -29.70 -9.84
N SER B 10 -12.15 -30.23 -9.00
CA SER B 10 -13.39 -29.55 -8.59
C SER B 10 -13.10 -28.28 -7.78
N MET B 11 -11.89 -28.17 -7.21
CA MET B 11 -11.52 -27.06 -6.33
C MET B 11 -10.63 -26.05 -7.05
N GLN B 12 -10.29 -26.28 -8.32
CA GLN B 12 -9.19 -25.49 -8.92
C GLN B 12 -9.64 -24.22 -9.59
N ASP B 13 -9.00 -23.10 -9.23
CA ASP B 13 -9.43 -21.80 -9.78
C ASP B 13 -8.80 -21.38 -11.14
N THR B 14 -9.46 -20.47 -11.82
CA THR B 14 -8.99 -19.93 -13.12
C THR B 14 -9.20 -18.42 -12.97
N LEU B 15 -8.90 -17.63 -14.00
CA LEU B 15 -9.22 -16.20 -13.92
C LEU B 15 -10.70 -15.90 -13.90
N LEU B 16 -11.53 -16.86 -14.30
CA LEU B 16 -12.98 -16.66 -14.23
C LEU B 16 -13.59 -16.90 -12.88
N THR B 17 -12.93 -17.67 -12.03
CA THR B 17 -13.55 -18.14 -10.77
C THR B 17 -12.94 -17.43 -9.59
N LEU B 18 -11.79 -16.82 -9.74
CA LEU B 18 -11.20 -16.04 -8.65
C LEU B 18 -12.07 -14.86 -8.21
N ASP B 19 -12.05 -14.53 -6.94
CA ASP B 19 -12.71 -13.29 -6.55
C ASP B 19 -11.72 -12.14 -6.93
N THR B 20 -12.28 -10.96 -7.16
CA THR B 20 -11.44 -9.79 -7.56
C THR B 20 -11.49 -8.75 -6.43
N PRO B 21 -10.47 -7.93 -6.27
CA PRO B 21 -9.27 -7.90 -7.11
C PRO B 21 -8.31 -9.04 -6.70
N ALA B 22 -7.42 -9.44 -7.63
CA ALA B 22 -6.41 -10.49 -7.32
C ALA B 22 -5.12 -10.12 -8.06
N ALA B 23 -3.97 -10.47 -7.46
CA ALA B 23 -2.67 -10.15 -8.05
C ALA B 23 -2.23 -11.42 -8.84
N VAL B 24 -2.18 -11.35 -10.13
CA VAL B 24 -1.95 -12.50 -10.99
C VAL B 24 -0.50 -12.44 -11.52
N ILE B 25 0.25 -13.54 -11.33
CA ILE B 25 1.54 -13.66 -11.99
C ILE B 25 1.40 -14.54 -13.23
N ASP B 26 1.75 -13.97 -14.40
CA ASP B 26 1.78 -14.77 -15.62
C ASP B 26 3.12 -15.52 -15.54
N LEU B 27 3.05 -16.82 -15.28
CA LEU B 27 4.30 -17.56 -14.96
C LEU B 27 5.24 -17.64 -16.19
N ASP B 28 4.65 -17.78 -17.40
CA ASP B 28 5.52 -17.80 -18.56
C ASP B 28 6.33 -16.49 -18.73
N ARG B 29 5.68 -15.31 -18.54
CA ARG B 29 6.43 -14.02 -18.58
C ARG B 29 7.41 -13.89 -17.44
N MET B 30 6.99 -14.36 -16.26
CA MET B 30 7.93 -14.33 -15.09
C MET B 30 9.20 -15.19 -15.40
N GLN B 31 8.99 -16.37 -15.97
CA GLN B 31 10.14 -17.17 -16.31
C GLN B 31 11.03 -16.53 -17.34
N ARG B 32 10.44 -15.87 -18.35
CA ARG B 32 11.28 -15.19 -19.41
C ARG B 32 12.09 -14.08 -18.73
N ASN B 33 11.49 -13.37 -17.79
CA ASN B 33 12.22 -12.28 -17.06
C ASN B 33 13.37 -12.84 -16.23
N ILE B 34 13.13 -14.00 -15.59
CA ILE B 34 14.13 -14.60 -14.70
C ILE B 34 15.29 -15.07 -15.60
N ALA B 35 14.97 -15.64 -16.78
CA ALA B 35 16.03 -16.15 -17.67
C ALA B 35 16.87 -15.02 -18.24
N ARG B 36 16.17 -13.95 -18.63
CA ARG B 36 16.84 -12.82 -19.30
C ARG B 36 17.92 -12.25 -18.34
N MET B 37 17.52 -12.01 -17.10
CA MET B 37 18.41 -11.40 -16.11
C MET B 37 19.57 -12.35 -15.79
N GLN B 38 19.28 -13.63 -15.52
CA GLN B 38 20.35 -14.59 -15.17
C GLN B 38 21.33 -14.74 -16.36
N GLN B 39 20.82 -14.79 -17.60
CA GLN B 39 21.72 -14.96 -18.77
C GLN B 39 22.64 -13.75 -18.92
N ARG B 40 22.07 -12.56 -18.71
CA ARG B 40 22.88 -11.37 -18.81
C ARG B 40 24.03 -11.38 -17.79
N MET B 41 23.71 -11.69 -16.53
CA MET B 41 24.77 -11.74 -15.51
C MET B 41 25.78 -12.85 -15.81
N ASP B 42 25.30 -14.03 -16.27
CA ASP B 42 26.24 -15.11 -16.67
C ASP B 42 27.17 -14.58 -17.77
N ALA B 43 26.60 -13.88 -18.76
CA ALA B 43 27.42 -13.29 -19.86
C ALA B 43 28.49 -12.30 -19.32
N GLN B 44 28.11 -11.52 -18.32
CA GLN B 44 29.01 -10.63 -17.56
C GLN B 44 30.00 -11.34 -16.59
N GLY B 45 29.85 -12.66 -16.35
CA GLY B 45 30.70 -13.39 -15.35
C GLY B 45 30.51 -12.91 -13.92
N VAL B 46 29.30 -12.48 -13.57
CA VAL B 46 29.05 -11.98 -12.21
C VAL B 46 27.87 -12.82 -11.63
N ARG B 47 27.78 -12.86 -10.31
CA ARG B 47 26.70 -13.61 -9.67
C ARG B 47 25.45 -12.69 -9.72
N LEU B 48 24.27 -13.31 -9.65
CA LEU B 48 23.02 -12.52 -9.47
C LEU B 48 22.51 -12.81 -8.07
N ARG B 49 22.33 -11.75 -7.27
CA ARG B 49 21.77 -11.88 -5.89
C ARG B 49 20.40 -11.12 -5.91
N PRO B 50 19.36 -11.82 -6.36
CA PRO B 50 18.06 -11.14 -6.56
C PRO B 50 17.56 -10.48 -5.28
N HIS B 51 16.91 -9.33 -5.42
CA HIS B 51 16.32 -8.67 -4.31
C HIS B 51 14.89 -9.16 -4.20
N VAL B 52 14.63 -9.95 -3.17
CA VAL B 52 13.29 -10.58 -3.01
C VAL B 52 12.26 -9.61 -2.44
N LYS B 53 12.62 -8.35 -2.24
CA LYS B 53 11.59 -7.39 -1.68
C LYS B 53 10.46 -7.17 -2.68
N THR B 54 10.71 -7.48 -3.96
CA THR B 54 9.64 -7.30 -4.96
C THR B 54 8.47 -8.28 -4.77
N SER B 55 8.77 -9.54 -4.46
CA SER B 55 7.72 -10.57 -4.31
C SER B 55 7.50 -11.00 -2.89
N LYS B 56 8.56 -11.05 -2.06
CA LYS B 56 8.56 -11.70 -0.77
C LYS B 56 7.83 -13.04 -0.79
N SER B 57 8.09 -13.84 -1.85
CA SER B 57 7.29 -15.06 -2.05
C SER B 57 8.31 -16.21 -2.27
N VAL B 58 8.20 -17.24 -1.44
CA VAL B 58 9.14 -18.41 -1.47
C VAL B 58 9.18 -19.03 -2.90
N PRO B 59 8.03 -19.30 -3.51
CA PRO B 59 8.08 -19.98 -4.84
C PRO B 59 8.70 -19.10 -5.93
N VAL B 60 8.57 -17.78 -5.80
CA VAL B 60 9.17 -16.87 -6.78
C VAL B 60 10.70 -16.90 -6.61
N ALA B 61 11.17 -16.75 -5.34
CA ALA B 61 12.58 -16.87 -5.09
C ALA B 61 13.12 -18.25 -5.48
N ALA B 62 12.32 -19.29 -5.32
CA ALA B 62 12.78 -20.63 -5.69
C ALA B 62 13.08 -20.70 -7.20
N ALA B 63 12.22 -20.06 -7.99
CA ALA B 63 12.39 -19.99 -9.45
C ALA B 63 13.63 -19.24 -9.78
N GLN B 64 13.87 -18.14 -9.05
CA GLN B 64 15.12 -17.38 -9.28
C GLN B 64 16.37 -18.22 -8.91
N ARG B 65 16.31 -18.97 -7.81
CA ARG B 65 17.46 -19.83 -7.42
C ARG B 65 17.64 -20.95 -8.43
N ALA B 66 16.53 -21.60 -8.80
CA ALA B 66 16.58 -22.70 -9.82
C ALA B 66 17.28 -22.25 -11.13
N ALA B 67 17.09 -20.98 -11.52
CA ALA B 67 17.69 -20.51 -12.78
C ALA B 67 19.19 -20.15 -12.65
N GLY B 68 19.69 -20.01 -11.41
CA GLY B 68 21.14 -19.88 -11.23
C GLY B 68 21.52 -18.77 -10.24
N ALA B 69 20.55 -18.19 -9.50
CA ALA B 69 20.85 -17.07 -8.59
C ALA B 69 21.71 -17.52 -7.42
N SER B 70 22.54 -16.61 -6.88
CA SER B 70 23.44 -16.91 -5.74
C SER B 70 23.02 -16.08 -4.56
N GLY B 71 22.27 -16.74 -3.65
CA GLY B 71 21.90 -15.94 -2.45
C GLY B 71 20.73 -14.98 -2.80
N ILE B 72 20.36 -14.19 -1.79
CA ILE B 72 19.28 -13.21 -1.95
C ILE B 72 19.64 -11.96 -1.23
N THR B 73 18.96 -10.85 -1.61
CA THR B 73 19.00 -9.60 -0.88
C THR B 73 17.59 -9.45 -0.28
N VAL B 74 17.55 -8.98 0.96
CA VAL B 74 16.24 -8.72 1.65
C VAL B 74 16.25 -7.27 2.18
N SER B 75 15.03 -6.73 2.34
CA SER B 75 14.89 -5.34 2.75
C SER B 75 14.41 -5.27 4.25
N THR B 76 14.21 -6.39 4.90
CA THR B 76 13.81 -6.50 6.32
C THR B 76 14.33 -7.78 6.93
N LEU B 77 14.51 -7.80 8.25
CA LEU B 77 14.86 -9.10 8.87
C LEU B 77 13.69 -10.06 8.84
N LYS B 78 12.41 -9.60 8.71
CA LYS B 78 11.25 -10.51 8.60
CA LYS B 78 11.29 -10.55 8.64
C LYS B 78 11.46 -11.36 7.34
N GLU B 79 11.87 -10.70 6.28
CA GLU B 79 12.22 -11.44 5.01
C GLU B 79 13.37 -12.40 5.27
N ALA B 80 14.43 -11.96 5.96
CA ALA B 80 15.54 -12.93 6.28
C ALA B 80 15.02 -14.15 7.06
N GLU B 81 14.14 -13.94 8.08
CA GLU B 81 13.59 -15.02 8.82
C GLU B 81 12.82 -16.00 7.92
N GLN B 82 11.91 -15.45 7.09
CA GLN B 82 11.02 -16.28 6.25
C GLN B 82 11.84 -17.11 5.25
N PHE B 83 12.79 -16.46 4.56
CA PHE B 83 13.55 -17.18 3.51
C PHE B 83 14.57 -18.14 4.12
N PHE B 84 15.14 -17.75 5.28
CA PHE B 84 15.99 -18.73 5.97
C PHE B 84 15.23 -19.99 6.40
N ALA B 85 14.02 -19.81 6.98
CA ALA B 85 13.17 -20.95 7.39
C ALA B 85 12.87 -21.83 6.14
N ALA B 86 12.82 -21.18 4.97
CA ALA B 86 12.48 -21.87 3.69
C ALA B 86 13.74 -22.46 3.02
N GLY B 87 14.92 -22.28 3.63
CA GLY B 87 16.15 -23.02 3.18
C GLY B 87 17.21 -22.13 2.52
N THR B 88 16.98 -20.81 2.44
CA THR B 88 17.99 -19.94 1.93
C THR B 88 18.95 -19.48 3.04
N THR B 89 20.23 -19.79 2.87
CA THR B 89 21.20 -19.51 3.91
C THR B 89 21.98 -18.27 3.56
N ASP B 90 22.10 -17.92 2.27
CA ASP B 90 22.96 -16.80 1.90
C ASP B 90 22.19 -15.51 1.72
N ILE B 91 22.17 -14.67 2.78
CA ILE B 91 21.14 -13.58 2.80
C ILE B 91 21.87 -12.29 3.15
N LEU B 92 21.68 -11.28 2.29
CA LEU B 92 22.20 -9.91 2.52
C LEU B 92 21.01 -9.04 2.92
N TYR B 93 21.08 -8.50 4.16
CA TYR B 93 20.03 -7.49 4.62
C TYR B 93 20.53 -6.09 4.26
N ALA B 94 20.04 -5.56 3.14
CA ALA B 94 20.67 -4.38 2.47
C ALA B 94 19.91 -3.09 2.90
N VAL B 95 19.81 -2.88 4.23
CA VAL B 95 19.30 -1.61 4.78
C VAL B 95 20.24 -1.34 5.94
N SER B 96 20.73 -0.10 6.03
CA SER B 96 21.63 0.39 7.10
CA SER B 96 21.70 0.28 7.08
C SER B 96 21.22 -0.24 8.42
N MET B 97 22.15 -0.94 9.09
CA MET B 97 21.73 -1.71 10.25
C MET B 97 21.38 -0.81 11.47
N ALA B 98 20.25 -1.07 12.12
CA ALA B 98 19.90 -0.40 13.34
C ALA B 98 20.45 -1.27 14.48
N PRO B 99 21.13 -0.63 15.44
CA PRO B 99 21.64 -1.37 16.55
C PRO B 99 20.59 -2.19 17.26
N HIS B 100 19.37 -1.69 17.42
CA HIS B 100 18.44 -2.43 18.25
C HIS B 100 18.02 -3.77 17.55
N ARG B 101 18.32 -3.92 16.25
CA ARG B 101 17.95 -5.21 15.59
C ARG B 101 19.12 -6.22 15.75
N LEU B 102 20.20 -5.84 16.44
CA LEU B 102 21.39 -6.73 16.44
C LEU B 102 21.05 -8.12 17.15
N PRO B 103 20.21 -8.13 18.21
CA PRO B 103 19.89 -9.49 18.77
C PRO B 103 19.18 -10.37 17.74
N GLN B 104 18.28 -9.85 16.95
CA GLN B 104 17.59 -10.67 15.94
C GLN B 104 18.62 -11.14 14.84
N ALA B 105 19.52 -10.27 14.43
CA ALA B 105 20.55 -10.63 13.43
C ALA B 105 21.46 -11.72 14.05
N LEU B 106 21.84 -11.58 15.33
CA LEU B 106 22.64 -12.62 16.01
C LEU B 106 21.91 -13.95 16.01
N GLN B 107 20.63 -13.92 16.37
CA GLN B 107 19.89 -15.20 16.54
C GLN B 107 19.80 -15.91 15.17
N LEU B 108 19.59 -15.15 14.10
CA LEU B 108 19.51 -15.71 12.70
C LEU B 108 20.89 -16.40 12.39
N ARG B 109 21.96 -15.69 12.73
CA ARG B 109 23.30 -16.27 12.42
C ARG B 109 23.53 -17.49 13.28
N ARG B 110 23.14 -17.49 14.58
CA ARG B 110 23.32 -18.62 15.47
CA ARG B 110 23.39 -18.62 15.44
C ARG B 110 22.58 -19.88 15.00
N ARG B 111 21.43 -19.67 14.39
CA ARG B 111 20.57 -20.79 13.80
C ARG B 111 21.15 -21.30 12.47
N GLY B 112 22.14 -20.65 11.89
CA GLY B 112 22.75 -21.15 10.64
C GLY B 112 22.57 -20.27 9.41
N CYS B 113 22.02 -19.05 9.57
CA CYS B 113 21.83 -18.17 8.44
C CYS B 113 23.12 -17.40 8.22
N ASP B 114 23.66 -17.41 7.02
CA ASP B 114 24.88 -16.66 6.79
C ASP B 114 24.44 -15.24 6.42
N LEU B 115 24.02 -14.47 7.45
CA LEU B 115 23.32 -13.20 7.23
C LEU B 115 24.37 -12.10 7.18
N LYS B 116 24.36 -11.27 6.15
CA LYS B 116 25.26 -10.15 6.05
C LYS B 116 24.52 -8.86 6.36
N LEU B 117 25.21 -7.95 7.07
CA LEU B 117 24.58 -6.62 7.45
C LEU B 117 25.35 -5.54 6.72
N ILE B 118 24.74 -4.34 6.65
CA ILE B 118 25.51 -3.22 6.02
C ILE B 118 25.51 -1.99 6.89
N VAL B 119 26.54 -1.21 6.77
CA VAL B 119 26.58 0.08 7.49
C VAL B 119 27.20 1.15 6.62
N ASP B 120 27.02 2.40 7.01
CA ASP B 120 27.67 3.55 6.35
C ASP B 120 28.21 4.60 7.30
N SER B 121 28.46 4.23 8.58
CA SER B 121 28.88 5.20 9.51
C SER B 121 29.78 4.51 10.54
N VAL B 122 30.62 5.35 11.14
CA VAL B 122 31.51 4.83 12.17
C VAL B 122 30.62 4.38 13.41
N ALA B 123 29.61 5.20 13.76
CA ALA B 123 28.80 4.83 14.99
C ALA B 123 28.10 3.44 14.69
N ALA B 124 27.60 3.17 13.49
CA ALA B 124 26.91 1.88 13.31
C ALA B 124 27.94 0.72 13.34
N ALA B 125 29.14 0.98 12.79
CA ALA B 125 30.19 -0.05 12.83
C ALA B 125 30.60 -0.27 14.30
N GLN B 126 30.72 0.79 15.07
CA GLN B 126 31.09 0.60 16.52
C GLN B 126 30.02 -0.24 17.26
N ALA B 127 28.75 0.03 16.97
CA ALA B 127 27.66 -0.69 17.65
C ALA B 127 27.79 -2.20 17.33
N ILE B 128 27.94 -2.52 16.03
CA ILE B 128 27.97 -3.92 15.66
C ILE B 128 29.24 -4.56 16.28
N ALA B 129 30.39 -3.91 16.20
CA ALA B 129 31.64 -4.52 16.64
C ALA B 129 31.53 -4.76 18.18
N ALA B 130 30.97 -3.80 18.92
CA ALA B 130 30.92 -3.94 20.42
C ALA B 130 29.96 -5.13 20.76
N PHE B 131 28.81 -5.20 20.09
CA PHE B 131 27.88 -6.26 20.37
C PHE B 131 28.47 -7.63 19.94
N GLY B 132 29.12 -7.65 18.77
CA GLY B 132 29.86 -8.88 18.35
C GLY B 132 30.87 -9.30 19.38
N ARG B 133 31.70 -8.38 19.85
CA ARG B 133 32.62 -8.78 20.91
C ARG B 133 31.90 -9.28 22.17
N GLU B 134 30.87 -8.64 22.62
CA GLU B 134 30.25 -9.09 23.83
C GLU B 134 29.65 -10.49 23.66
N GLN B 135 29.07 -10.74 22.48
CA GLN B 135 28.36 -11.99 22.22
C GLN B 135 29.20 -13.09 21.57
N GLY B 136 30.46 -12.83 21.28
CA GLY B 136 31.43 -13.81 20.68
C GLY B 136 30.99 -14.07 19.21
N GLU B 137 30.61 -13.03 18.48
CA GLU B 137 30.12 -13.23 17.10
C GLU B 137 30.86 -12.32 16.15
N ALA B 138 31.54 -12.89 15.14
CA ALA B 138 32.21 -12.08 14.12
C ALA B 138 31.21 -11.78 13.00
N PHE B 139 30.36 -10.76 13.20
CA PHE B 139 29.34 -10.49 12.14
C PHE B 139 30.05 -10.17 10.87
N GLU B 140 29.39 -10.49 9.72
CA GLU B 140 29.93 -10.03 8.40
C GLU B 140 29.19 -8.74 8.08
N VAL B 141 29.95 -7.71 7.73
CA VAL B 141 29.38 -6.38 7.49
C VAL B 141 29.99 -5.88 6.22
N TRP B 142 29.13 -5.34 5.37
CA TRP B 142 29.62 -4.63 4.17
C TRP B 142 29.38 -3.16 4.29
N ILE B 143 30.15 -2.37 3.54
CA ILE B 143 30.05 -0.90 3.67
C ILE B 143 29.24 -0.40 2.46
N GLU B 144 28.17 0.31 2.76
CA GLU B 144 27.38 0.93 1.68
C GLU B 144 27.95 2.20 1.10
N ILE B 145 28.03 2.28 -0.24
CA ILE B 145 28.69 3.35 -0.97
C ILE B 145 27.62 4.13 -1.68
N ASP B 146 27.77 5.45 -1.64
CA ASP B 146 26.95 6.34 -2.40
C ASP B 146 27.66 6.68 -3.71
N THR B 147 27.12 6.17 -4.82
CA THR B 147 27.79 6.36 -6.12
C THR B 147 27.04 7.30 -7.02
N ASP B 148 25.81 7.63 -6.65
CA ASP B 148 25.01 8.55 -7.48
C ASP B 148 24.12 9.62 -6.75
N GLY B 149 24.28 9.82 -5.42
CA GLY B 149 23.53 10.86 -4.70
C GLY B 149 22.08 10.51 -4.36
N HIS B 150 21.67 9.29 -4.70
CA HIS B 150 20.31 8.78 -4.49
C HIS B 150 19.76 8.83 -3.07
N ARG B 151 20.46 8.27 -2.03
CA ARG B 151 19.98 7.75 -0.71
C ARG B 151 21.26 7.45 0.25
N SER B 152 21.39 6.25 0.81
CA SER B 152 22.35 6.14 1.97
C SER B 152 23.81 6.06 1.26
N GLY B 153 24.81 6.08 2.13
CA GLY B 153 26.09 5.54 1.74
C GLY B 153 27.26 6.53 1.91
N VAL B 154 28.40 5.88 2.08
CA VAL B 154 29.69 6.63 2.13
C VAL B 154 30.07 7.05 0.71
N GLY B 155 30.47 8.31 0.56
CA GLY B 155 30.95 8.75 -0.84
C GLY B 155 32.07 7.82 -1.29
N ALA B 156 31.96 7.39 -2.54
CA ALA B 156 33.03 6.55 -3.11
C ALA B 156 34.42 7.19 -2.99
N ASP B 157 34.53 8.51 -3.03
CA ASP B 157 35.86 9.16 -2.96
C ASP B 157 36.18 9.64 -1.49
N ASP B 158 35.39 9.17 -0.51
CA ASP B 158 35.68 9.59 0.89
C ASP B 158 36.57 8.54 1.57
N THR B 159 37.84 8.54 1.21
CA THR B 159 38.78 7.57 1.72
C THR B 159 38.81 7.66 3.26
N PRO B 160 38.86 8.91 3.79
CA PRO B 160 39.07 8.88 5.26
C PRO B 160 37.87 8.19 5.99
N LEU B 161 36.64 8.44 5.54
CA LEU B 161 35.47 7.78 6.22
C LEU B 161 35.40 6.29 5.90
N LEU B 162 35.75 5.90 4.65
CA LEU B 162 35.79 4.46 4.37
C LEU B 162 36.78 3.78 5.24
N LEU B 163 37.99 4.31 5.35
CA LEU B 163 39.02 3.65 6.17
C LEU B 163 38.60 3.60 7.64
N ALA B 164 37.98 4.70 8.07
CA ALA B 164 37.63 4.71 9.52
C ALA B 164 36.58 3.61 9.81
N ILE B 165 35.60 3.47 8.92
CA ILE B 165 34.55 2.46 9.10
C ILE B 165 35.19 1.06 8.95
N GLY B 166 36.01 0.92 7.88
CA GLY B 166 36.58 -0.44 7.59
C GLY B 166 37.49 -0.85 8.78
N ARG B 167 38.32 0.07 9.29
CA ARG B 167 39.14 -0.26 10.45
C ARG B 167 38.33 -0.53 11.72
N THR B 168 37.24 0.22 11.92
CA THR B 168 36.41 -0.01 13.11
C THR B 168 35.91 -1.49 13.07
N LEU B 169 35.43 -1.89 11.89
CA LEU B 169 34.98 -3.29 11.72
C LEU B 169 36.09 -4.32 11.86
N HIS B 170 37.17 -4.11 11.14
CA HIS B 170 38.25 -5.11 11.12
C HIS B 170 39.02 -5.22 12.43
N ASP B 171 39.42 -4.06 12.95
CA ASP B 171 40.09 -4.02 14.28
C ASP B 171 39.17 -4.51 15.36
N GLY B 172 37.88 -4.40 15.11
CA GLY B 172 36.93 -4.74 16.12
C GLY B 172 36.63 -6.23 16.09
N GLY B 173 37.27 -6.97 15.19
CA GLY B 173 37.04 -8.42 15.10
C GLY B 173 35.85 -8.90 14.25
N MET B 174 35.26 -7.98 13.50
CA MET B 174 34.16 -8.33 12.58
C MET B 174 34.73 -8.64 11.25
N ARG B 175 33.93 -9.27 10.39
CA ARG B 175 34.43 -9.62 9.08
C ARG B 175 33.98 -8.56 8.11
N LEU B 176 34.92 -7.72 7.66
CA LEU B 176 34.57 -6.70 6.63
C LEU B 176 34.46 -7.47 5.31
N GLY B 177 33.24 -7.65 4.81
CA GLY B 177 33.01 -8.63 3.78
C GLY B 177 32.95 -8.04 2.37
N GLY B 178 32.84 -6.72 2.23
CA GLY B 178 32.62 -6.19 0.90
C GLY B 178 32.08 -4.75 0.95
N VAL B 179 31.79 -4.21 -0.24
CA VAL B 179 31.09 -2.90 -0.40
C VAL B 179 29.89 -3.14 -1.31
N LEU B 180 28.83 -2.31 -1.13
CA LEU B 180 27.70 -2.44 -2.05
C LEU B 180 27.23 -1.04 -2.36
N THR B 181 26.61 -0.94 -3.52
CA THR B 181 25.90 0.34 -3.83
C THR B 181 24.64 0.04 -4.60
N HIS B 182 23.69 1.01 -4.58
CA HIS B 182 22.45 0.88 -5.40
C HIS B 182 22.25 2.17 -6.13
N ALA B 183 22.35 2.18 -7.48
CA ALA B 183 22.26 3.46 -8.19
C ALA B 183 20.77 3.77 -8.51
N GLY B 184 19.99 4.05 -7.48
CA GLY B 184 18.53 4.27 -7.64
C GLY B 184 18.12 5.52 -8.41
N SER B 185 19.08 6.40 -8.66
CA SER B 185 18.82 7.57 -9.57
C SER B 185 18.54 7.08 -10.98
N SER B 186 18.65 5.77 -11.21
CA SER B 186 18.47 5.24 -12.60
C SER B 186 16.97 5.35 -12.94
N TYR B 187 16.15 5.42 -11.88
CA TYR B 187 14.68 5.58 -12.05
C TYR B 187 14.27 6.91 -12.67
N GLU B 188 15.19 7.86 -12.75
CA GLU B 188 14.87 9.16 -13.31
C GLU B 188 15.24 9.21 -14.80
N LEU B 189 15.76 8.11 -15.34
CA LEU B 189 16.32 8.19 -16.73
C LEU B 189 15.42 7.45 -17.67
N ASP B 190 15.56 7.68 -18.97
CA ASP B 190 14.70 7.02 -19.91
C ASP B 190 15.32 6.83 -21.31
N THR B 191 16.64 6.88 -21.37
CA THR B 191 17.39 6.65 -22.62
C THR B 191 18.49 5.61 -22.41
N PRO B 192 18.80 4.78 -23.44
CA PRO B 192 19.86 3.77 -23.18
C PRO B 192 21.23 4.36 -22.91
N GLU B 193 21.59 5.46 -23.58
CA GLU B 193 22.83 6.21 -23.30
C GLU B 193 23.06 6.57 -21.83
N ALA B 194 22.04 7.23 -21.26
CA ALA B 194 22.06 7.71 -19.86
C ALA B 194 22.12 6.54 -18.92
N LEU B 195 21.37 5.48 -19.23
CA LEU B 195 21.41 4.29 -18.35
C LEU B 195 22.78 3.59 -18.39
N GLN B 196 23.33 3.44 -19.60
CA GLN B 196 24.64 2.85 -19.70
C GLN B 196 25.68 3.71 -18.90
N ALA B 197 25.64 5.03 -19.07
CA ALA B 197 26.57 5.91 -18.34
C ALA B 197 26.39 5.77 -16.82
N LEU B 198 25.14 5.74 -16.36
CA LEU B 198 24.91 5.61 -14.90
C LEU B 198 25.38 4.24 -14.39
N ALA B 199 25.11 3.16 -15.14
CA ALA B 199 25.59 1.81 -14.73
C ALA B 199 27.14 1.84 -14.60
N GLU B 200 27.82 2.55 -15.49
CA GLU B 200 29.30 2.67 -15.46
C GLU B 200 29.76 3.49 -14.23
N ARG B 201 29.06 4.55 -13.93
CA ARG B 201 29.37 5.34 -12.72
C ARG B 201 29.16 4.48 -11.46
N GLU B 202 28.07 3.70 -11.44
CA GLU B 202 27.75 2.83 -10.25
C GLU B 202 28.90 1.80 -10.08
N ARG B 203 29.32 1.21 -11.23
CA ARG B 203 30.36 0.16 -11.18
C ARG B 203 31.67 0.82 -10.74
N ALA B 204 32.01 1.94 -11.40
CA ALA B 204 33.31 2.63 -11.21
C ALA B 204 33.45 3.06 -9.73
N GLY B 205 32.36 3.59 -9.23
CA GLY B 205 32.36 4.14 -7.88
C GLY B 205 32.43 3.03 -6.81
N CYS B 206 31.70 1.91 -7.01
CA CYS B 206 31.76 0.87 -5.99
C CYS B 206 33.17 0.17 -6.01
N VAL B 207 33.69 -0.04 -7.20
CA VAL B 207 35.05 -0.62 -7.37
C VAL B 207 36.06 0.36 -6.74
N GLN B 208 35.86 1.64 -6.98
CA GLN B 208 36.82 2.65 -6.39
C GLN B 208 36.83 2.51 -4.88
N ALA B 209 35.66 2.36 -4.24
CA ALA B 209 35.61 2.30 -2.76
C ALA B 209 36.34 1.01 -2.32
N ALA B 210 36.09 -0.11 -3.06
CA ALA B 210 36.76 -1.39 -2.71
C ALA B 210 38.27 -1.23 -2.84
N GLU B 211 38.76 -0.55 -3.88
CA GLU B 211 40.20 -0.43 -4.16
C GLU B 211 40.85 0.42 -3.08
N ALA B 212 40.08 1.37 -2.55
CA ALA B 212 40.67 2.27 -1.46
C ALA B 212 40.79 1.47 -0.18
N LEU B 213 39.79 0.67 0.18
CA LEU B 213 39.87 -0.19 1.37
C LEU B 213 41.06 -1.17 1.25
N ARG B 214 41.15 -1.80 0.06
CA ARG B 214 42.27 -2.78 -0.12
C ARG B 214 43.61 -2.12 -0.14
N ALA B 215 43.69 -0.88 -0.65
CA ALA B 215 44.98 -0.18 -0.67
C ALA B 215 45.43 0.11 0.79
N ALA B 216 44.47 0.27 1.71
CA ALA B 216 44.79 0.44 3.18
C ALA B 216 45.00 -0.85 3.85
N GLY B 217 45.04 -1.99 3.11
CA GLY B 217 45.28 -3.24 3.84
C GLY B 217 44.08 -3.90 4.41
N LEU B 218 42.88 -3.46 4.05
CA LEU B 218 41.66 -4.03 4.63
C LEU B 218 41.07 -5.01 3.58
N PRO B 219 40.44 -6.09 4.06
CA PRO B 219 39.82 -7.00 3.12
C PRO B 219 38.57 -6.36 2.50
N CYS B 220 38.26 -6.73 1.24
CA CYS B 220 36.95 -6.24 0.67
C CYS B 220 36.67 -7.17 -0.50
N PRO B 221 36.30 -8.43 -0.16
CA PRO B 221 36.30 -9.39 -1.28
C PRO B 221 35.09 -9.25 -2.14
N VAL B 222 33.92 -8.82 -1.62
CA VAL B 222 32.73 -8.67 -2.49
C VAL B 222 32.58 -7.23 -2.92
N VAL B 223 32.18 -7.05 -4.18
CA VAL B 223 31.80 -5.70 -4.68
C VAL B 223 30.44 -5.97 -5.29
N SER B 224 29.40 -5.33 -4.75
CA SER B 224 27.99 -5.67 -5.11
C SER B 224 27.36 -4.40 -5.64
N VAL B 225 26.81 -4.42 -6.85
CA VAL B 225 26.10 -3.22 -7.35
C VAL B 225 24.71 -3.59 -7.81
N GLY B 226 23.87 -2.58 -8.09
CA GLY B 226 22.74 -2.94 -8.97
C GLY B 226 21.43 -2.20 -8.61
N SER B 227 20.72 -1.95 -9.69
CA SER B 227 19.25 -1.65 -9.69
C SER B 227 18.81 -2.46 -10.96
N THR B 228 17.49 -2.65 -11.15
CA THR B 228 17.09 -3.34 -12.37
C THR B 228 17.59 -2.63 -13.63
N PRO B 229 17.35 -1.30 -13.74
CA PRO B 229 17.76 -0.68 -14.98
C PRO B 229 19.27 -0.72 -15.21
N THR B 230 20.09 -0.54 -14.14
CA THR B 230 21.53 -0.57 -14.42
C THR B 230 22.07 -2.01 -14.65
N ALA B 231 21.44 -2.98 -14.02
CA ALA B 231 21.82 -4.41 -14.25
C ALA B 231 21.60 -4.72 -15.76
N LEU B 232 20.49 -4.20 -16.31
CA LEU B 232 20.19 -4.45 -17.72
C LEU B 232 20.99 -3.57 -18.69
N ALA B 233 21.61 -2.50 -18.20
CA ALA B 233 22.22 -1.59 -19.13
C ALA B 233 23.77 -1.62 -19.07
N ALA B 234 24.33 -2.25 -18.05
CA ALA B 234 25.77 -2.10 -17.86
C ALA B 234 26.51 -2.72 -19.04
N SER B 235 27.43 -2.02 -19.67
CA SER B 235 28.16 -2.68 -20.74
C SER B 235 29.29 -3.56 -20.20
N ARG B 236 29.90 -3.18 -19.10
CA ARG B 236 31.03 -3.90 -18.50
CA ARG B 236 30.96 -3.98 -18.50
C ARG B 236 30.84 -3.95 -17.00
N LEU B 237 31.30 -5.01 -16.34
CA LEU B 237 31.23 -5.08 -14.85
C LEU B 237 32.56 -5.50 -14.24
N ASP B 238 33.64 -5.08 -14.86
CA ASP B 238 34.96 -5.32 -14.28
C ASP B 238 35.07 -4.90 -12.83
N GLY B 239 35.60 -5.80 -12.00
CA GLY B 239 35.78 -5.50 -10.56
C GLY B 239 34.54 -5.77 -9.71
N VAL B 240 33.41 -6.10 -10.33
CA VAL B 240 32.14 -6.40 -9.56
C VAL B 240 32.03 -7.91 -9.36
N THR B 241 31.60 -8.34 -8.18
CA THR B 241 31.43 -9.81 -7.95
C THR B 241 29.98 -10.24 -8.11
N GLU B 242 29.04 -9.31 -7.82
CA GLU B 242 27.62 -9.70 -7.91
C GLU B 242 26.78 -8.45 -8.25
N VAL B 243 25.61 -8.71 -8.82
CA VAL B 243 24.66 -7.64 -9.17
C VAL B 243 23.36 -8.01 -8.42
N ARG B 244 22.70 -7.01 -7.86
CA ARG B 244 21.41 -7.16 -7.14
C ARG B 244 20.34 -6.48 -8.05
N ALA B 245 19.26 -7.19 -8.32
CA ALA B 245 18.13 -6.56 -9.04
C ALA B 245 16.92 -7.32 -8.51
N GLY B 246 15.77 -6.63 -8.43
CA GLY B 246 14.58 -7.34 -7.94
C GLY B 246 13.34 -7.13 -8.75
N VAL B 247 13.08 -5.88 -9.15
CA VAL B 247 11.76 -5.60 -9.79
C VAL B 247 11.64 -6.32 -11.17
N TYR B 248 12.80 -6.66 -11.82
CA TYR B 248 12.82 -7.34 -13.11
C TYR B 248 12.00 -8.63 -13.11
N VAL B 249 11.87 -9.31 -11.98
CA VAL B 249 11.20 -10.61 -11.96
C VAL B 249 9.81 -10.47 -12.55
N PHE B 250 9.17 -9.32 -12.27
CA PHE B 250 7.85 -9.04 -12.86
C PHE B 250 7.80 -7.90 -13.85
N PHE B 251 8.71 -6.91 -13.68
CA PHE B 251 8.65 -5.63 -14.43
C PHE B 251 7.32 -4.90 -14.11
N ASP B 252 7.16 -3.73 -14.71
CA ASP B 252 6.00 -2.83 -14.37
C ASP B 252 6.12 -1.66 -15.33
N LEU B 253 5.13 -0.75 -15.28
CA LEU B 253 5.09 0.33 -16.25
C LEU B 253 6.16 1.42 -16.02
N VAL B 254 6.58 1.63 -14.78
CA VAL B 254 7.79 2.50 -14.55
C VAL B 254 9.04 1.92 -15.34
N MET B 255 9.28 0.63 -15.24
CA MET B 255 10.41 -0.02 -15.97
CA MET B 255 10.42 0.00 -15.97
C MET B 255 10.20 0.10 -17.47
N ARG B 256 8.95 -0.09 -17.91
CA ARG B 256 8.60 0.08 -19.31
C ARG B 256 8.93 1.49 -19.80
N ASN B 257 8.57 2.49 -19.01
CA ASN B 257 8.90 3.87 -19.37
C ASN B 257 10.39 4.18 -19.31
N ILE B 258 11.11 3.52 -18.40
CA ILE B 258 12.58 3.74 -18.29
C ILE B 258 13.18 3.22 -19.59
N GLY B 259 12.51 2.21 -20.17
CA GLY B 259 12.88 1.62 -21.46
C GLY B 259 13.59 0.27 -21.35
N VAL B 260 13.60 -0.38 -20.21
CA VAL B 260 14.31 -1.64 -20.08
C VAL B 260 13.39 -2.86 -20.24
N CYS B 261 12.11 -2.59 -20.48
CA CYS B 261 11.23 -3.63 -20.93
C CYS B 261 10.07 -3.06 -21.72
N ALA B 262 9.27 -3.96 -22.26
CA ALA B 262 7.99 -3.61 -22.94
C ALA B 262 6.82 -3.92 -22.00
N ALA B 263 5.67 -3.32 -22.29
CA ALA B 263 4.46 -3.65 -21.51
C ALA B 263 4.15 -5.18 -21.54
N GLU B 264 4.48 -5.88 -22.66
CA GLU B 264 4.24 -7.31 -22.78
C GLU B 264 5.17 -8.15 -21.99
N ASP B 265 6.21 -7.53 -21.36
CA ASP B 265 7.08 -8.30 -20.47
C ASP B 265 6.55 -8.23 -19.05
N VAL B 266 5.52 -7.41 -18.78
CA VAL B 266 5.07 -7.21 -17.40
C VAL B 266 4.26 -8.44 -16.92
N ALA B 267 4.78 -9.14 -15.91
CA ALA B 267 4.26 -10.47 -15.53
C ALA B 267 3.22 -10.33 -14.43
N LEU B 268 3.12 -9.16 -13.78
CA LEU B 268 2.14 -9.00 -12.70
C LEU B 268 1.01 -8.11 -13.18
N SER B 269 -0.21 -8.58 -12.98
CA SER B 269 -1.36 -7.74 -13.30
C SER B 269 -2.42 -7.93 -12.18
N VAL B 270 -3.31 -6.96 -12.06
CA VAL B 270 -4.39 -7.04 -11.05
C VAL B 270 -5.69 -7.33 -11.79
N LEU B 271 -6.26 -8.50 -11.47
CA LEU B 271 -7.51 -8.96 -12.10
C LEU B 271 -8.63 -8.13 -11.38
N ALA B 272 -9.55 -7.56 -12.17
CA ALA B 272 -10.56 -6.64 -11.61
C ALA B 272 -11.87 -6.88 -12.28
N THR B 273 -12.96 -6.55 -11.60
CA THR B 273 -14.30 -6.66 -12.22
C THR B 273 -14.90 -5.30 -12.39
N VAL B 274 -15.62 -5.08 -13.51
CA VAL B 274 -16.41 -3.88 -13.72
C VAL B 274 -17.69 -3.91 -12.82
N ILE B 275 -17.87 -2.93 -11.95
CA ILE B 275 -18.99 -2.92 -10.99
C ILE B 275 -19.93 -1.75 -11.25
N GLY B 276 -19.64 -0.91 -12.25
CA GLY B 276 -20.62 0.19 -12.52
C GLY B 276 -20.08 1.08 -13.62
N HIS B 277 -20.83 2.14 -13.94
CA HIS B 277 -20.40 3.13 -14.94
C HIS B 277 -20.84 4.52 -14.55
N GLN B 278 -20.21 5.58 -15.10
CA GLN B 278 -20.88 6.91 -15.25
C GLN B 278 -20.87 7.22 -16.75
N ALA B 279 -21.94 6.86 -17.42
CA ALA B 279 -21.96 6.72 -18.89
C ALA B 279 -21.68 8.04 -19.57
N ASP B 280 -22.20 9.11 -18.99
CA ASP B 280 -22.06 10.41 -19.64
C ASP B 280 -20.64 10.95 -19.52
N LYS B 281 -19.87 10.48 -18.53
CA LYS B 281 -18.45 10.81 -18.43
C LYS B 281 -17.51 9.79 -19.11
N GLY B 282 -18.06 8.73 -19.66
CA GLY B 282 -17.27 7.63 -20.25
C GLY B 282 -16.44 6.84 -19.25
N TRP B 283 -16.97 6.68 -18.01
CA TRP B 283 -16.29 5.94 -16.95
C TRP B 283 -16.80 4.56 -16.82
N ALA B 284 -15.90 3.59 -16.61
CA ALA B 284 -16.34 2.29 -16.04
C ALA B 284 -15.73 2.29 -14.63
N ILE B 285 -16.45 1.73 -13.68
CA ILE B 285 -15.93 1.68 -12.30
C ILE B 285 -15.57 0.19 -12.05
N VAL B 286 -14.40 -0.04 -11.49
CA VAL B 286 -13.93 -1.43 -11.28
C VAL B 286 -13.64 -1.59 -9.80
N ASP B 287 -13.46 -2.84 -9.36
CA ASP B 287 -13.26 -3.06 -7.95
C ASP B 287 -11.76 -3.13 -7.61
N ALA B 288 -10.89 -2.58 -8.48
CA ALA B 288 -9.47 -2.41 -8.10
C ALA B 288 -9.27 -0.92 -7.88
N GLY B 289 -9.30 -0.47 -6.63
CA GLY B 289 -8.96 0.94 -6.32
C GLY B 289 -7.52 0.98 -5.83
N TRP B 290 -7.12 2.08 -5.15
CA TRP B 290 -5.79 2.13 -4.68
C TRP B 290 -5.38 1.12 -3.64
N MET B 291 -6.37 0.53 -2.92
CA MET B 291 -6.00 -0.53 -2.03
C MET B 291 -5.48 -1.74 -2.84
N ALA B 292 -6.00 -1.98 -4.02
CA ALA B 292 -5.40 -3.07 -4.82
C ALA B 292 -4.16 -2.60 -5.60
N MET B 293 -4.23 -1.43 -6.23
CA MET B 293 -3.10 -1.01 -7.10
C MET B 293 -1.89 -0.41 -6.31
N SER B 294 -2.16 -0.01 -5.05
CA SER B 294 -1.31 0.92 -4.28
C SER B 294 -1.48 2.35 -4.79
N ARG B 295 -1.02 3.29 -3.95
CA ARG B 295 -1.05 4.71 -4.34
C ARG B 295 0.14 5.08 -5.26
N ASP B 296 0.97 4.08 -5.67
CA ASP B 296 2.17 4.46 -6.44
C ASP B 296 1.76 5.09 -7.77
N ARG B 297 2.33 6.28 -8.09
CA ARG B 297 2.02 6.96 -9.36
C ARG B 297 3.32 7.32 -10.08
N GLY B 298 4.27 6.39 -10.01
CA GLY B 298 5.62 6.64 -10.61
C GLY B 298 5.56 7.01 -12.05
N THR B 299 4.54 6.53 -12.79
CA THR B 299 4.48 6.90 -14.20
C THR B 299 4.04 8.35 -14.44
N ALA B 300 3.53 9.04 -13.41
CA ALA B 300 3.02 10.42 -13.64
C ALA B 300 4.14 11.39 -14.07
N ARG B 301 5.36 11.12 -13.73
CA ARG B 301 6.38 12.08 -14.20
C ARG B 301 7.19 11.57 -15.39
N GLN B 302 6.83 10.42 -15.94
CA GLN B 302 7.61 9.85 -17.03
C GLN B 302 6.97 10.23 -18.36
N LYS B 303 7.51 9.70 -19.47
CA LYS B 303 7.09 10.07 -20.83
C LYS B 303 5.62 9.66 -21.11
N GLN B 304 5.09 8.67 -20.42
CA GLN B 304 3.73 8.29 -20.61
C GLN B 304 3.09 8.00 -19.22
N ASP B 305 2.04 8.77 -18.91
CA ASP B 305 1.40 8.61 -17.57
C ASP B 305 0.28 7.57 -17.72
N PHE B 306 0.34 6.50 -16.96
CA PHE B 306 -0.63 5.45 -17.04
C PHE B 306 -1.65 5.53 -15.88
N GLY B 307 -1.76 6.70 -15.25
CA GLY B 307 -2.73 6.80 -14.12
C GLY B 307 -2.44 5.70 -13.12
N TYR B 308 -3.50 5.11 -12.53
CA TYR B 308 -3.34 3.95 -11.63
C TYR B 308 -3.21 2.60 -12.36
N GLY B 309 -3.06 2.64 -13.69
CA GLY B 309 -2.59 1.42 -14.31
C GLY B 309 -3.16 1.26 -15.71
N GLN B 310 -2.46 0.45 -16.53
CA GLN B 310 -2.88 0.24 -17.94
C GLN B 310 -3.88 -0.88 -18.03
N VAL B 311 -5.03 -0.68 -18.68
CA VAL B 311 -6.10 -1.70 -18.75
C VAL B 311 -5.70 -2.72 -19.83
N CYS B 312 -5.87 -4.01 -19.46
CA CYS B 312 -5.73 -5.14 -20.35
C CYS B 312 -7.01 -5.93 -20.34
N ASP B 313 -7.23 -6.71 -21.39
CA ASP B 313 -8.37 -7.58 -21.38
C ASP B 313 -8.06 -8.82 -20.54
N LEU B 314 -9.05 -9.72 -20.45
CA LEU B 314 -8.91 -10.90 -19.56
C LEU B 314 -7.74 -11.78 -20.01
N GLN B 315 -7.46 -11.76 -21.30
CA GLN B 315 -6.29 -12.53 -21.82
C GLN B 315 -4.96 -11.81 -21.61
N GLY B 316 -4.99 -10.63 -20.99
CA GLY B 316 -3.74 -10.00 -20.61
C GLY B 316 -3.16 -9.10 -21.71
N ARG B 317 -3.89 -8.87 -22.79
CA ARG B 317 -3.51 -8.01 -23.87
C ARG B 317 -3.90 -6.55 -23.58
N VAL B 318 -2.93 -5.67 -23.73
CA VAL B 318 -3.16 -4.28 -23.48
C VAL B 318 -4.30 -3.71 -24.34
N MET B 319 -5.13 -2.86 -23.76
CA MET B 319 -6.23 -2.24 -24.50
C MET B 319 -5.82 -0.78 -24.60
N PRO B 320 -5.17 -0.41 -25.71
CA PRO B 320 -4.47 0.87 -25.65
C PRO B 320 -5.43 2.06 -25.45
N GLY B 321 -4.92 3.11 -24.79
CA GLY B 321 -5.78 4.28 -24.60
C GLY B 321 -6.73 4.23 -23.37
N PHE B 322 -6.95 3.04 -22.76
CA PHE B 322 -7.74 2.99 -21.47
C PHE B 322 -6.83 2.75 -20.32
N VAL B 323 -6.98 3.58 -19.28
CA VAL B 323 -6.17 3.40 -18.06
C VAL B 323 -7.11 3.66 -16.87
N LEU B 324 -6.63 3.40 -15.66
CA LEU B 324 -7.38 3.82 -14.50
C LEU B 324 -6.95 5.29 -14.30
N THR B 325 -7.85 6.20 -14.67
CA THR B 325 -7.57 7.63 -14.51
C THR B 325 -7.67 8.11 -13.04
N GLY B 326 -8.41 7.39 -12.19
CA GLY B 326 -8.52 7.79 -10.78
C GLY B 326 -8.73 6.56 -9.96
N ALA B 327 -8.53 6.71 -8.66
CA ALA B 327 -8.74 5.55 -7.80
C ALA B 327 -9.13 6.02 -6.42
N ASN B 328 -10.23 5.44 -5.86
CA ASN B 328 -10.42 5.54 -4.41
C ASN B 328 -10.11 4.21 -3.77
N GLN B 329 -10.49 4.04 -2.49
CA GLN B 329 -9.86 2.93 -1.75
C GLN B 329 -10.19 1.59 -2.44
N GLU B 330 -11.45 1.35 -2.67
CA GLU B 330 -11.91 0.08 -3.27
C GLU B 330 -12.58 0.28 -4.64
N HIS B 331 -12.49 1.48 -5.24
CA HIS B 331 -13.13 1.73 -6.52
C HIS B 331 -12.06 2.30 -7.39
N GLY B 332 -11.89 1.76 -8.58
CA GLY B 332 -11.01 2.39 -9.56
C GLY B 332 -11.86 2.95 -10.70
N ILE B 333 -11.37 4.03 -11.34
CA ILE B 333 -12.17 4.76 -12.36
C ILE B 333 -11.40 4.50 -13.67
N LEU B 334 -12.00 3.76 -14.57
CA LEU B 334 -11.45 3.40 -15.85
C LEU B 334 -12.00 4.39 -16.89
N ALA B 335 -11.11 5.02 -17.65
CA ALA B 335 -11.59 5.97 -18.66
C ALA B 335 -10.49 6.10 -19.73
N ARG B 336 -10.77 6.93 -20.72
CA ARG B 336 -9.70 7.16 -21.74
C ARG B 336 -8.53 7.95 -21.23
N ALA B 337 -7.28 7.52 -21.51
CA ALA B 337 -6.11 8.31 -21.09
C ALA B 337 -6.08 9.69 -21.74
N ASP B 338 -6.59 9.81 -22.95
CA ASP B 338 -6.53 11.10 -23.64
C ASP B 338 -7.56 12.11 -23.16
N GLY B 339 -8.41 11.74 -22.19
CA GLY B 339 -9.35 12.66 -21.61
C GLY B 339 -10.65 12.77 -22.36
N ALA B 340 -10.86 11.99 -23.43
CA ALA B 340 -12.15 12.01 -24.15
C ALA B 340 -13.17 11.17 -23.37
N ALA B 341 -14.46 11.48 -23.51
CA ALA B 341 -15.50 10.61 -22.95
C ALA B 341 -15.79 9.47 -23.94
N GLU B 342 -15.29 8.25 -23.65
CA GLU B 342 -15.71 7.10 -24.45
C GLU B 342 -17.29 7.08 -24.60
N ALA B 343 -17.79 7.03 -25.84
CA ALA B 343 -19.24 6.86 -26.09
C ALA B 343 -19.67 5.43 -25.68
N ASP B 344 -20.85 5.20 -25.13
CA ASP B 344 -21.19 3.77 -24.91
C ASP B 344 -20.20 2.97 -24.02
N ILE B 345 -19.68 3.58 -22.96
CA ILE B 345 -18.66 2.85 -22.19
C ILE B 345 -19.22 1.51 -21.64
N ALA B 346 -20.54 1.46 -21.38
CA ALA B 346 -21.17 0.25 -20.83
C ALA B 346 -21.18 -0.94 -21.84
N THR B 347 -21.17 -0.66 -23.14
CA THR B 347 -21.10 -1.82 -24.02
C THR B 347 -19.62 -2.15 -24.27
N ARG B 348 -18.73 -1.16 -24.19
CA ARG B 348 -17.35 -1.44 -24.31
C ARG B 348 -16.83 -2.24 -23.08
N PHE B 349 -17.40 -1.92 -21.93
CA PHE B 349 -17.04 -2.64 -20.67
C PHE B 349 -18.27 -3.04 -19.84
N PRO B 350 -18.98 -4.13 -20.20
CA PRO B 350 -20.25 -4.46 -19.53
C PRO B 350 -20.13 -4.81 -18.02
N LEU B 351 -21.16 -4.56 -17.20
CA LEU B 351 -21.09 -4.93 -15.79
C LEU B 351 -20.67 -6.42 -15.70
N GLY B 352 -19.74 -6.76 -14.82
CA GLY B 352 -19.33 -8.14 -14.57
C GLY B 352 -18.13 -8.53 -15.43
N THR B 353 -17.80 -7.76 -16.48
CA THR B 353 -16.55 -7.96 -17.30
C THR B 353 -15.32 -8.00 -16.40
N ARG B 354 -14.37 -8.89 -16.72
CA ARG B 354 -13.16 -8.94 -15.99
C ARG B 354 -12.04 -8.39 -16.83
N LEU B 355 -11.17 -7.63 -16.18
CA LEU B 355 -10.04 -7.00 -16.86
C LEU B 355 -8.78 -7.26 -16.04
N ARG B 356 -7.61 -6.98 -16.62
CA ARG B 356 -6.30 -7.08 -15.88
C ARG B 356 -5.54 -5.73 -15.98
N ILE B 357 -5.11 -5.22 -14.85
CA ILE B 357 -4.50 -3.86 -14.82
C ILE B 357 -3.00 -4.00 -14.58
N LEU B 358 -2.20 -3.42 -15.48
CA LEU B 358 -0.74 -3.49 -15.21
C LEU B 358 -0.37 -2.38 -14.25
N PRO B 359 0.53 -2.67 -13.31
CA PRO B 359 0.82 -1.71 -12.20
C PRO B 359 1.89 -0.66 -12.62
N ASN B 360 1.84 0.54 -12.01
CA ASN B 360 3.00 1.45 -12.04
C ASN B 360 4.25 0.78 -11.47
N ALA B 361 4.14 0.23 -10.27
CA ALA B 361 5.30 -0.25 -9.50
C ALA B 361 4.94 -1.61 -8.97
N ALA B 362 5.58 -2.66 -9.51
CA ALA B 362 5.27 -4.04 -9.07
C ALA B 362 5.55 -4.25 -7.59
N CYS B 363 6.59 -3.60 -7.05
CA CYS B 363 6.95 -3.80 -5.59
C CYS B 363 5.77 -3.25 -4.76
N ALA B 364 5.23 -2.09 -5.17
CA ALA B 364 4.14 -1.48 -4.34
C ALA B 364 2.78 -2.20 -4.49
N THR B 365 2.41 -2.53 -5.73
CA THR B 365 1.19 -3.31 -5.92
C THR B 365 1.25 -4.65 -5.26
N GLY B 366 2.37 -5.37 -5.40
CA GLY B 366 2.40 -6.72 -4.79
C GLY B 366 2.19 -6.69 -3.27
N ALA B 367 2.69 -5.66 -2.62
CA ALA B 367 2.60 -5.54 -1.14
C ALA B 367 1.17 -5.38 -0.66
N GLN B 368 0.27 -5.00 -1.57
CA GLN B 368 -1.18 -4.85 -1.22
CA GLN B 368 -1.19 -4.85 -1.24
C GLN B 368 -1.89 -6.21 -1.06
N PHE B 369 -1.22 -7.31 -1.43
CA PHE B 369 -1.93 -8.62 -1.44
C PHE B 369 -1.31 -9.64 -0.49
N PRO B 370 -2.13 -10.44 0.22
CA PRO B 370 -1.59 -11.55 1.08
C PRO B 370 -0.87 -12.61 0.20
N ALA B 371 -1.26 -12.70 -1.05
CA ALA B 371 -0.79 -13.80 -1.93
C ALA B 371 -0.92 -13.41 -3.37
N TYR B 372 -0.11 -14.00 -4.23
CA TYR B 372 -0.34 -13.98 -5.65
C TYR B 372 -1.10 -15.21 -6.14
N GLN B 373 -1.74 -15.09 -7.30
CA GLN B 373 -2.31 -16.22 -8.00
C GLN B 373 -1.38 -16.48 -9.18
N ALA B 374 -0.61 -17.57 -9.11
CA ALA B 374 0.42 -17.90 -10.12
C ALA B 374 -0.34 -18.64 -11.25
N LEU B 375 -0.42 -17.99 -12.42
CA LEU B 375 -1.20 -18.46 -13.59
C LEU B 375 -0.31 -19.31 -14.51
N ALA B 376 -0.66 -20.58 -14.66
CA ALA B 376 0.07 -21.50 -15.56
C ALA B 376 -0.48 -21.40 -16.97
N ALA B 377 0.23 -21.99 -17.92
CA ALA B 377 -0.17 -21.92 -19.33
C ALA B 377 -1.54 -22.54 -19.60
N ASP B 378 -1.90 -23.58 -18.86
CA ASP B 378 -3.26 -24.16 -18.98
C ASP B 378 -4.44 -23.33 -18.43
N GLY B 379 -4.15 -22.15 -17.92
CA GLY B 379 -5.18 -21.30 -17.40
C GLY B 379 -5.50 -21.51 -15.90
N SER B 380 -4.90 -22.55 -15.27
CA SER B 380 -5.13 -22.78 -13.84
C SER B 380 -4.26 -21.82 -13.02
N VAL B 381 -4.72 -21.51 -11.77
CA VAL B 381 -3.94 -20.71 -10.86
C VAL B 381 -3.59 -21.46 -9.55
N GLN B 382 -2.56 -20.99 -8.88
CA GLN B 382 -2.18 -21.54 -7.59
C GLN B 382 -1.91 -20.40 -6.68
N THR B 383 -2.25 -20.52 -5.40
CA THR B 383 -2.01 -19.38 -4.46
C THR B 383 -0.57 -19.43 -3.96
N TRP B 384 0.18 -18.33 -4.17
CA TRP B 384 1.54 -18.21 -3.68
C TRP B 384 1.56 -17.10 -2.67
N GLU B 385 1.67 -17.50 -1.40
CA GLU B 385 1.71 -16.48 -0.31
C GLU B 385 2.87 -15.53 -0.41
N ARG B 386 2.69 -14.33 0.13
CA ARG B 386 3.87 -13.44 0.27
C ARG B 386 3.83 -12.77 1.59
N LEU B 387 4.98 -12.22 2.01
CA LEU B 387 5.03 -11.67 3.40
C LEU B 387 4.50 -10.21 3.45
N HIS B 388 3.82 -9.89 4.54
CA HIS B 388 3.38 -8.48 4.84
C HIS B 388 3.97 -8.04 6.15
N GLY B 389 4.43 -6.78 6.23
CA GLY B 389 4.80 -6.25 7.54
C GLY B 389 6.29 -6.52 7.87
N TRP B 390 6.60 -6.54 9.14
CA TRP B 390 8.01 -6.50 9.64
C TRP B 390 8.16 -7.53 10.68
#